data_6P7Q
#
_entry.id   6P7Q
#
_cell.length_a   131.781
_cell.length_b   131.781
_cell.length_c   252.836
_cell.angle_alpha   90.00
_cell.angle_beta   90.00
_cell.angle_gamma   120.00
#
_symmetry.space_group_name_H-M   'H 3 2'
#
loop_
_entity.id
_entity.type
_entity.pdbx_description
1 polymer 'E. coli MS115-1 NucC'
2 polymer "RNA (5'-R(P*AP*A)-3')"
3 non-polymer 'CHLORIDE ION'
4 water water
#
loop_
_entity_poly.entity_id
_entity_poly.type
_entity_poly.pdbx_seq_one_letter_code
_entity_poly.pdbx_strand_id
1 'polypeptide(L)'
;SNASDWSLSQLFASLHEDIQLRLGTARKAFQHPGAKGDASEGVWIEMLDTYLPKRYQAANAFVVDSLGNFSDQINVVVFD
RQYSPFIFKFNEQIIVPAESVYAVFEAKQSASADLVAYAQRKVASVRRLHRTSLPIPHAGGTYPAKPLIPILGGLLTFES
DWSPALGMSFDKALNGDLSDGRLDMGCVASHGHFYFNNIDSKFNFEHGNKPATAFLFRLIAQLQFSGTVPMIDIDAYGKW
LAN
;
A,B,C
2 'polyribonucleotide' AA D,E,F
#
loop_
_chem_comp.id
_chem_comp.type
_chem_comp.name
_chem_comp.formula
A RNA linking ADENOSINE-5'-MONOPHOSPHATE 'C10 H14 N5 O7 P'
CL non-polymer 'CHLORIDE ION' 'Cl -1'
#
# COMPACT_ATOMS: atom_id res chain seq x y z
N ALA A 3 -5.06 5.66 -46.98
CA ALA A 3 -6.28 6.26 -46.37
C ALA A 3 -7.31 6.57 -47.45
N SER A 4 -7.30 5.77 -48.51
CA SER A 4 -8.27 5.97 -49.58
C SER A 4 -9.70 5.75 -49.08
N ASP A 5 -9.90 4.76 -48.20
CA ASP A 5 -11.26 4.43 -47.78
C ASP A 5 -11.28 3.93 -46.35
N TRP A 6 -12.50 3.77 -45.83
CA TRP A 6 -12.70 3.27 -44.48
C TRP A 6 -11.91 1.98 -44.29
N SER A 7 -11.38 1.79 -43.06
CA SER A 7 -10.59 0.62 -42.72
C SER A 7 -10.75 0.25 -41.25
N LEU A 8 -11.24 -0.97 -41.00
CA LEU A 8 -11.25 -1.47 -39.63
C LEU A 8 -9.86 -1.53 -39.05
N SER A 9 -8.86 -1.97 -39.85
CA SER A 9 -7.49 -2.00 -39.37
CA SER A 9 -7.49 -2.00 -39.37
C SER A 9 -7.04 -0.63 -38.89
N GLN A 10 -7.38 0.42 -39.64
CA GLN A 10 -7.00 1.76 -39.22
C GLN A 10 -7.70 2.16 -37.93
N LEU A 11 -9.00 1.88 -37.81
CA LEU A 11 -9.72 2.23 -36.58
C LEU A 11 -9.04 1.56 -35.38
N PHE A 12 -8.65 0.30 -35.50
CA PHE A 12 -8.02 -0.41 -34.40
C PHE A 12 -6.61 0.09 -34.13
N ALA A 13 -5.89 0.51 -35.18
CA ALA A 13 -4.58 1.13 -35.00
C ALA A 13 -4.72 2.45 -34.24
N SER A 14 -5.70 3.27 -34.62
CA SER A 14 -5.89 4.56 -33.97
C SER A 14 -6.32 4.39 -32.51
N LEU A 15 -7.15 3.36 -32.23
CA LEU A 15 -7.54 3.10 -30.86
C LEU A 15 -6.30 2.77 -30.03
N HIS A 16 -5.45 1.89 -30.55
CA HIS A 16 -4.22 1.54 -29.85
C HIS A 16 -3.24 2.70 -29.74
N GLU A 17 -3.03 3.45 -30.84
CA GLU A 17 -2.03 4.52 -30.81
C GLU A 17 -2.37 5.57 -29.76
N ASP A 18 -3.64 5.89 -29.64
CA ASP A 18 -4.09 6.79 -28.59
C ASP A 18 -3.66 6.31 -27.21
N ILE A 19 -3.87 5.02 -26.92
CA ILE A 19 -3.48 4.47 -25.63
C ILE A 19 -1.96 4.52 -25.49
N GLN A 20 -1.22 4.04 -26.49
CA GLN A 20 0.23 3.98 -26.36
C GLN A 20 0.82 5.37 -26.12
N LEU A 21 0.39 6.37 -26.89
CA LEU A 21 0.95 7.70 -26.75
C LEU A 21 0.59 8.33 -25.40
N ARG A 22 -0.65 8.15 -24.92
CA ARG A 22 -1.03 8.76 -23.65
C ARG A 22 -0.35 8.06 -22.48
N LEU A 23 -0.12 6.73 -22.57
CA LEU A 23 0.64 6.09 -21.51
C LEU A 23 2.07 6.59 -21.52
N GLY A 24 2.64 6.85 -22.70
CA GLY A 24 3.99 7.40 -22.72
C GLY A 24 4.05 8.80 -22.17
N THR A 25 3.04 9.62 -22.49
CA THR A 25 2.93 10.96 -21.91
C THR A 25 2.83 10.91 -20.38
N ALA A 26 1.97 10.05 -19.85
CA ALA A 26 1.88 9.89 -18.39
C ALA A 26 3.25 9.62 -17.80
N ARG A 27 3.99 8.68 -18.41
CA ARG A 27 5.28 8.31 -17.87
C ARG A 27 6.30 9.44 -17.96
N LYS A 28 6.35 10.14 -19.09
CA LYS A 28 7.38 11.15 -19.30
C LYS A 28 7.07 12.42 -18.50
N ALA A 29 5.83 12.86 -18.57
CA ALA A 29 5.48 14.20 -18.14
C ALA A 29 5.40 14.31 -16.63
N PHE A 30 4.89 13.26 -15.94
CA PHE A 30 4.64 13.38 -14.49
C PHE A 30 5.82 12.78 -13.72
N GLN A 31 6.72 13.67 -13.28
CA GLN A 31 7.98 13.25 -12.63
C GLN A 31 7.80 13.24 -11.11
N HIS A 32 6.87 12.41 -10.69
CA HIS A 32 6.43 12.21 -9.31
C HIS A 32 5.78 10.84 -9.27
N PRO A 33 6.16 9.93 -8.37
CA PRO A 33 5.64 8.57 -8.49
C PRO A 33 4.14 8.43 -8.31
N GLY A 34 3.55 9.19 -7.40
CA GLY A 34 2.10 9.12 -7.24
C GLY A 34 1.35 9.64 -8.46
N ALA A 35 1.74 10.83 -8.92
CA ALA A 35 1.07 11.44 -10.06
C ALA A 35 1.27 10.61 -11.30
N LYS A 36 2.47 10.03 -11.49
CA LYS A 36 2.72 9.21 -12.68
C LYS A 36 1.82 7.99 -12.68
N GLY A 37 1.68 7.34 -11.53
CA GLY A 37 0.80 6.19 -11.44
C GLY A 37 -0.66 6.56 -11.68
N ASP A 38 -1.11 7.67 -11.11
CA ASP A 38 -2.48 8.10 -11.30
C ASP A 38 -2.74 8.40 -12.77
N ALA A 39 -1.80 9.08 -13.42
CA ALA A 39 -1.96 9.36 -14.85
C ALA A 39 -2.07 8.09 -15.66
N SER A 40 -1.19 7.12 -15.42
CA SER A 40 -1.21 5.91 -16.25
C SER A 40 -2.45 5.06 -15.97
N GLU A 41 -2.80 4.91 -14.69
CA GLU A 41 -3.98 4.13 -14.36
C GLU A 41 -5.23 4.72 -15.02
N GLY A 42 -5.34 6.05 -15.05
CA GLY A 42 -6.51 6.70 -15.63
C GLY A 42 -6.65 6.46 -17.12
N VAL A 43 -5.53 6.25 -17.82
CA VAL A 43 -5.59 5.96 -19.24
C VAL A 43 -6.24 4.60 -19.45
N TRP A 44 -5.81 3.60 -18.68
CA TRP A 44 -6.36 2.26 -18.85
C TRP A 44 -7.82 2.22 -18.46
N ILE A 45 -8.19 2.86 -17.34
CA ILE A 45 -9.58 2.95 -16.93
C ILE A 45 -10.43 3.61 -18.00
N GLU A 46 -9.92 4.68 -18.60
CA GLU A 46 -10.68 5.36 -19.66
C GLU A 46 -10.91 4.45 -20.86
N MET A 47 -9.93 3.63 -21.22
CA MET A 47 -10.15 2.70 -22.33
C MET A 47 -11.29 1.74 -22.01
N LEU A 48 -11.28 1.20 -20.80
CA LEU A 48 -12.30 0.25 -20.39
C LEU A 48 -13.65 0.92 -20.29
N ASP A 49 -13.69 2.14 -19.75
CA ASP A 49 -14.94 2.88 -19.60
C ASP A 49 -15.56 3.20 -20.95
N THR A 50 -14.73 3.58 -21.91
CA THR A 50 -15.21 3.93 -23.22
C THR A 50 -15.72 2.72 -23.98
N TYR A 51 -14.96 1.61 -23.96
CA TYR A 51 -15.24 0.54 -24.89
C TYR A 51 -15.90 -0.71 -24.32
N LEU A 52 -15.73 -1.01 -23.03
CA LEU A 52 -16.38 -2.21 -22.50
C LEU A 52 -17.89 -2.01 -22.59
N PRO A 53 -18.65 -3.11 -22.81
CA PRO A 53 -20.11 -3.08 -22.58
C PRO A 53 -20.43 -2.48 -21.22
N LYS A 54 -21.57 -1.75 -21.15
CA LYS A 54 -21.96 -0.98 -19.99
C LYS A 54 -22.36 -1.86 -18.81
N ARG A 55 -22.50 -3.15 -19.03
CA ARG A 55 -22.68 -4.05 -17.91
C ARG A 55 -21.47 -4.10 -17.00
N TYR A 56 -20.33 -3.58 -17.46
CA TYR A 56 -19.07 -3.57 -16.73
C TYR A 56 -18.80 -2.15 -16.25
N GLN A 57 -18.42 -2.03 -14.97
CA GLN A 57 -17.79 -0.85 -14.43
C GLN A 57 -16.29 -1.06 -14.32
N ALA A 58 -15.51 0.02 -14.40
CA ALA A 58 -14.07 -0.09 -14.25
C ALA A 58 -13.57 1.06 -13.39
N ALA A 59 -12.87 0.75 -12.31
CA ALA A 59 -12.44 1.77 -11.36
C ALA A 59 -11.38 1.21 -10.42
N ASN A 60 -10.70 2.13 -9.73
CA ASN A 60 -9.84 1.79 -8.61
C ASN A 60 -10.74 1.51 -7.40
N ALA A 61 -10.47 0.43 -6.67
CA ALA A 61 -11.29 0.09 -5.50
C ALA A 61 -10.58 -0.88 -4.58
N PHE A 62 -11.10 -0.97 -3.35
CA PHE A 62 -10.80 -2.07 -2.46
C PHE A 62 -11.95 -3.08 -2.66
N VAL A 63 -11.63 -4.36 -2.42
CA VAL A 63 -12.62 -5.42 -2.43
C VAL A 63 -12.71 -6.02 -1.04
N VAL A 64 -13.93 -6.37 -0.63
CA VAL A 64 -14.14 -6.98 0.68
C VAL A 64 -15.19 -8.07 0.57
N ASP A 65 -15.13 -9.06 1.45
CA ASP A 65 -16.14 -10.14 1.47
C ASP A 65 -16.96 -10.11 2.78
N SER A 66 -17.95 -10.99 2.85
CA SER A 66 -18.89 -11.01 3.98
C SER A 66 -18.31 -11.60 5.23
N LEU A 67 -17.07 -12.08 5.17
CA LEU A 67 -16.38 -12.60 6.34
C LEU A 67 -15.39 -11.59 6.88
N GLY A 68 -15.33 -10.41 6.28
CA GLY A 68 -14.45 -9.36 6.76
C GLY A 68 -13.05 -9.44 6.21
N ASN A 69 -12.80 -10.19 5.16
CA ASN A 69 -11.50 -10.21 4.52
C ASN A 69 -11.46 -9.08 3.48
N PHE A 70 -10.46 -8.23 3.59
CA PHE A 70 -10.25 -7.10 2.70
C PHE A 70 -9.07 -7.37 1.77
N SER A 71 -9.19 -6.97 0.53
CA SER A 71 -8.07 -6.97 -0.40
C SER A 71 -7.19 -5.74 -0.20
N ASP A 72 -6.03 -5.75 -0.86
CA ASP A 72 -5.26 -4.53 -1.06
C ASP A 72 -6.03 -3.62 -2.03
N GLN A 73 -5.56 -2.37 -2.16
CA GLN A 73 -6.11 -1.46 -3.15
C GLN A 73 -5.78 -1.98 -4.54
N ILE A 74 -6.80 -2.06 -5.40
CA ILE A 74 -6.65 -2.61 -6.75
C ILE A 74 -6.74 -1.48 -7.77
N ASN A 75 -5.71 -1.35 -8.63
CA ASN A 75 -5.62 -0.23 -9.57
C ASN A 75 -6.82 -0.22 -10.54
N VAL A 76 -7.18 -1.39 -11.04
CA VAL A 76 -8.21 -1.49 -12.05
C VAL A 76 -9.07 -2.70 -11.73
N VAL A 77 -10.26 -2.46 -11.17
CA VAL A 77 -11.24 -3.49 -10.91
C VAL A 77 -12.32 -3.38 -11.95
N VAL A 78 -12.71 -4.49 -12.57
CA VAL A 78 -13.87 -4.57 -13.45
C VAL A 78 -14.96 -5.27 -12.66
N PHE A 79 -16.12 -4.63 -12.49
CA PHE A 79 -17.09 -5.16 -11.56
C PHE A 79 -18.51 -4.78 -11.99
N ASP A 80 -19.49 -5.46 -11.40
CA ASP A 80 -20.88 -5.20 -11.66
C ASP A 80 -21.47 -4.15 -10.71
N ARG A 81 -22.33 -3.26 -11.26
CA ARG A 81 -23.20 -2.44 -10.46
C ARG A 81 -24.67 -2.61 -10.78
N GLN A 82 -25.03 -3.35 -11.85
CA GLN A 82 -26.44 -3.44 -12.23
C GLN A 82 -27.22 -4.23 -11.20
N TYR A 83 -26.55 -5.19 -10.56
CA TYR A 83 -27.12 -6.10 -9.57
C TYR A 83 -26.44 -6.08 -8.22
N SER A 84 -25.48 -5.18 -7.99
CA SER A 84 -24.61 -5.24 -6.85
C SER A 84 -24.59 -3.85 -6.23
N PRO A 85 -24.73 -3.74 -4.90
CA PRO A 85 -24.46 -2.47 -4.20
C PRO A 85 -22.97 -2.22 -4.03
N PHE A 86 -22.63 -0.97 -3.75
CA PHE A 86 -21.37 -0.71 -3.11
C PHE A 86 -21.45 -1.16 -1.65
N ILE A 87 -20.31 -1.57 -1.08
CA ILE A 87 -20.23 -1.76 0.35
C ILE A 87 -20.04 -0.40 1.04
N PHE A 88 -19.24 0.49 0.41
CA PHE A 88 -18.98 1.82 0.98
C PHE A 88 -18.47 2.72 -0.11
N LYS A 89 -18.98 3.95 -0.12
CA LYS A 89 -18.51 4.98 -1.02
C LYS A 89 -18.37 6.31 -0.29
N PHE A 90 -17.23 6.96 -0.45
CA PHE A 90 -16.91 8.24 0.19
C PHE A 90 -16.31 9.09 -0.92
N ASN A 91 -17.12 10.00 -1.48
CA ASN A 91 -16.68 10.73 -2.67
C ASN A 91 -16.15 9.77 -3.73
N GLU A 92 -14.88 9.86 -4.09
CA GLU A 92 -14.34 9.02 -5.15
C GLU A 92 -13.79 7.66 -4.69
N GLN A 93 -13.77 7.40 -3.39
N GLN A 93 -13.71 7.41 -3.39
CA GLN A 93 -13.21 6.16 -2.86
CA GLN A 93 -13.20 6.15 -2.90
C GLN A 93 -14.32 5.13 -2.66
C GLN A 93 -14.34 5.15 -2.76
N ILE A 94 -14.12 3.94 -3.24
CA ILE A 94 -15.14 2.89 -3.24
C ILE A 94 -14.60 1.57 -2.74
N ILE A 95 -15.47 0.87 -2.02
CA ILE A 95 -15.26 -0.49 -1.57
C ILE A 95 -16.39 -1.33 -2.17
N VAL A 96 -16.03 -2.35 -2.93
CA VAL A 96 -16.98 -3.20 -3.64
C VAL A 96 -17.03 -4.59 -3.03
N PRO A 97 -18.19 -5.24 -3.03
CA PRO A 97 -18.27 -6.63 -2.55
C PRO A 97 -17.59 -7.58 -3.52
N ALA A 98 -16.98 -8.63 -2.95
CA ALA A 98 -16.27 -9.60 -3.81
C ALA A 98 -17.18 -10.16 -4.90
N GLU A 99 -18.46 -10.31 -4.56
CA GLU A 99 -19.41 -10.90 -5.48
C GLU A 99 -19.53 -10.09 -6.75
N SER A 100 -19.22 -8.80 -6.71
CA SER A 100 -19.38 -7.94 -7.87
C SER A 100 -18.25 -8.02 -8.86
N VAL A 101 -17.16 -8.74 -8.56
CA VAL A 101 -15.92 -8.56 -9.31
C VAL A 101 -15.85 -9.54 -10.48
N TYR A 102 -15.57 -9.00 -11.65
CA TYR A 102 -15.28 -9.79 -12.85
C TYR A 102 -13.80 -9.99 -13.11
N ALA A 103 -12.96 -9.00 -12.84
CA ALA A 103 -11.57 -9.02 -13.23
C ALA A 103 -10.79 -7.99 -12.42
N VAL A 104 -9.48 -8.27 -12.23
CA VAL A 104 -8.65 -7.35 -11.49
C VAL A 104 -7.32 -7.23 -12.21
N PHE A 105 -6.85 -5.97 -12.37
CA PHE A 105 -5.59 -5.71 -13.05
C PHE A 105 -4.74 -4.78 -12.19
N GLU A 106 -3.43 -4.99 -12.23
CA GLU A 106 -2.42 -4.05 -11.78
C GLU A 106 -1.88 -3.32 -13.00
N ALA A 107 -1.78 -1.99 -12.91
CA ALA A 107 -1.29 -1.15 -14.00
C ALA A 107 -0.03 -0.46 -13.48
N LYS A 108 1.07 -0.62 -14.22
CA LYS A 108 2.37 -0.06 -13.83
C LYS A 108 3.12 0.38 -15.11
N GLN A 109 4.33 0.90 -14.93
CA GLN A 109 5.02 1.46 -16.07
C GLN A 109 5.63 0.39 -16.96
N SER A 110 6.35 -0.56 -16.36
CA SER A 110 7.15 -1.49 -17.14
C SER A 110 7.20 -2.87 -16.48
N ALA A 111 6.96 -3.91 -17.28
CA ALA A 111 6.96 -5.27 -16.75
C ALA A 111 8.36 -5.70 -16.29
N SER A 112 8.38 -6.52 -15.25
CA SER A 112 9.60 -6.97 -14.61
C SER A 112 9.24 -8.18 -13.77
N ALA A 113 10.25 -8.95 -13.33
CA ALA A 113 9.95 -10.10 -12.49
C ALA A 113 9.20 -9.68 -11.21
N ASP A 114 9.66 -8.60 -10.56
CA ASP A 114 9.01 -8.12 -9.33
C ASP A 114 7.56 -7.70 -9.58
N LEU A 115 7.30 -7.04 -10.71
CA LEU A 115 5.97 -6.52 -10.97
C LEU A 115 5.00 -7.63 -11.38
N VAL A 116 5.49 -8.62 -12.15
CA VAL A 116 4.64 -9.76 -12.47
C VAL A 116 4.24 -10.47 -11.20
N ALA A 117 5.21 -10.65 -10.28
CA ALA A 117 4.93 -11.30 -9.01
C ALA A 117 3.95 -10.50 -8.16
N TYR A 118 4.16 -9.20 -8.09
CA TYR A 118 3.26 -8.28 -7.42
C TYR A 118 1.83 -8.42 -7.93
N ALA A 119 1.68 -8.47 -9.25
CA ALA A 119 0.38 -8.62 -9.84
C ALA A 119 -0.25 -9.96 -9.51
N GLN A 120 0.54 -11.02 -9.54
CA GLN A 120 0.03 -12.33 -9.17
C GLN A 120 -0.48 -12.32 -7.75
N ARG A 121 0.24 -11.66 -6.84
CA ARG A 121 -0.18 -11.61 -5.44
C ARG A 121 -1.49 -10.83 -5.30
N LYS A 122 -1.59 -9.68 -5.98
CA LYS A 122 -2.82 -8.90 -5.94
C LYS A 122 -4.02 -9.70 -6.44
N VAL A 123 -3.84 -10.43 -7.54
CA VAL A 123 -4.94 -11.23 -8.10
C VAL A 123 -5.35 -12.31 -7.12
N ALA A 124 -4.38 -13.00 -6.52
CA ALA A 124 -4.70 -14.04 -5.55
C ALA A 124 -5.46 -13.48 -4.36
N SER A 125 -5.11 -12.26 -3.92
CA SER A 125 -5.77 -11.70 -2.75
C SER A 125 -7.27 -11.52 -3.00
N VAL A 126 -7.65 -11.18 -4.25
CA VAL A 126 -9.08 -11.03 -4.55
C VAL A 126 -9.72 -12.40 -4.75
N ARG A 127 -9.02 -13.33 -5.40
CA ARG A 127 -9.62 -14.63 -5.64
C ARG A 127 -9.84 -15.41 -4.35
N ARG A 128 -9.06 -15.11 -3.31
CA ARG A 128 -9.18 -15.83 -2.04
C ARG A 128 -10.36 -15.34 -1.21
N LEU A 129 -11.00 -14.26 -1.62
CA LEU A 129 -12.16 -13.76 -0.88
C LEU A 129 -13.37 -14.63 -1.13
N HIS A 130 -14.22 -14.73 -0.10
CA HIS A 130 -15.40 -15.58 -0.17
C HIS A 130 -16.52 -14.85 -0.91
N ARG A 131 -17.19 -15.56 -1.81
CA ARG A 131 -18.31 -15.02 -2.55
C ARG A 131 -19.59 -15.80 -2.27
N THR A 132 -20.64 -15.09 -1.82
CA THR A 132 -21.96 -15.70 -1.72
C THR A 132 -22.60 -15.86 -3.10
N SER A 133 -23.67 -16.66 -3.16
CA SER A 133 -24.44 -16.85 -4.38
C SER A 133 -25.79 -17.42 -4.03
N LEU A 134 -26.83 -16.67 -4.26
CA LEU A 134 -28.21 -17.09 -3.96
C LEU A 134 -28.96 -17.53 -5.21
N PRO A 135 -30.02 -18.33 -5.05
CA PRO A 135 -30.94 -18.58 -6.18
C PRO A 135 -31.47 -17.28 -6.76
N ILE A 136 -31.64 -17.25 -8.08
CA ILE A 136 -31.84 -16.00 -8.79
C ILE A 136 -33.27 -15.92 -9.32
N PRO A 137 -34.11 -15.04 -8.79
CA PRO A 137 -35.41 -14.80 -9.40
C PRO A 137 -35.30 -14.11 -10.74
N HIS A 138 -36.11 -14.54 -11.69
CA HIS A 138 -36.10 -13.97 -13.02
C HIS A 138 -37.49 -14.14 -13.64
N ALA A 139 -37.65 -13.72 -14.89
CA ALA A 139 -38.99 -13.67 -15.48
C ALA A 139 -39.63 -15.05 -15.53
N GLY A 140 -38.82 -16.08 -15.74
CA GLY A 140 -39.32 -17.44 -15.86
C GLY A 140 -39.43 -18.22 -14.57
N GLY A 141 -39.03 -17.67 -13.44
CA GLY A 141 -39.08 -18.39 -12.19
C GLY A 141 -37.89 -18.08 -11.32
N THR A 142 -37.20 -19.13 -10.85
CA THR A 142 -36.03 -18.97 -10.00
C THR A 142 -34.94 -19.91 -10.49
N TYR A 143 -33.78 -19.37 -10.87
CA TYR A 143 -32.63 -20.23 -11.16
C TYR A 143 -31.98 -20.74 -9.88
N PRO A 144 -31.35 -21.92 -9.94
CA PRO A 144 -30.46 -22.30 -8.83
C PRO A 144 -29.35 -21.28 -8.71
N ALA A 145 -28.75 -21.22 -7.52
CA ALA A 145 -27.60 -20.32 -7.32
C ALA A 145 -26.56 -20.53 -8.41
N LYS A 146 -26.09 -19.44 -8.97
CA LYS A 146 -25.11 -19.56 -10.03
C LYS A 146 -23.76 -20.04 -9.50
N PRO A 147 -23.19 -21.10 -10.07
CA PRO A 147 -21.82 -21.49 -9.70
C PRO A 147 -20.86 -20.32 -9.87
N LEU A 148 -19.89 -20.22 -8.95
CA LEU A 148 -19.03 -19.04 -8.94
C LEU A 148 -18.20 -18.93 -10.21
N ILE A 149 -18.17 -17.73 -10.77
CA ILE A 149 -17.44 -17.40 -11.98
C ILE A 149 -15.96 -17.23 -11.64
N PRO A 150 -15.04 -17.61 -12.50
CA PRO A 150 -13.62 -17.30 -12.23
C PRO A 150 -13.37 -15.79 -12.36
N ILE A 151 -12.56 -15.23 -11.46
CA ILE A 151 -12.19 -13.82 -11.56
C ILE A 151 -10.93 -13.74 -12.42
N LEU A 152 -11.01 -12.91 -13.47
CA LEU A 152 -9.88 -12.78 -14.39
C LEU A 152 -8.86 -11.86 -13.77
N GLY A 153 -7.58 -12.15 -14.05
CA GLY A 153 -6.50 -11.34 -13.51
C GLY A 153 -5.44 -11.03 -14.54
N GLY A 154 -4.78 -9.89 -14.34
CA GLY A 154 -3.78 -9.51 -15.32
C GLY A 154 -2.92 -8.32 -14.92
N LEU A 155 -2.07 -7.93 -15.87
CA LEU A 155 -1.10 -6.86 -15.69
C LEU A 155 -1.08 -6.00 -16.93
N LEU A 156 -1.06 -4.69 -16.73
CA LEU A 156 -1.09 -3.70 -17.81
C LEU A 156 0.09 -2.78 -17.61
N THR A 157 0.92 -2.67 -18.65
CA THR A 157 2.08 -1.81 -18.58
C THR A 157 2.27 -1.08 -19.91
N PHE A 158 3.14 -0.07 -19.88
CA PHE A 158 3.55 0.65 -21.08
C PHE A 158 4.73 -0.04 -21.75
N GLU A 159 5.71 -0.45 -20.95
CA GLU A 159 6.97 -1.00 -21.44
C GLU A 159 7.27 -2.37 -20.80
N SER A 160 8.41 -2.95 -21.22
CA SER A 160 9.01 -4.10 -20.57
C SER A 160 10.46 -3.79 -20.23
N ASP A 161 10.91 -4.22 -19.05
CA ASP A 161 12.29 -4.09 -18.62
C ASP A 161 13.19 -5.10 -19.32
N TRP A 162 12.62 -6.15 -19.86
CA TRP A 162 13.39 -7.22 -20.48
C TRP A 162 13.71 -6.88 -21.93
N SER A 163 14.75 -7.51 -22.42
CA SER A 163 15.12 -7.47 -23.82
C SER A 163 15.54 -8.88 -24.19
N PRO A 164 14.75 -9.62 -25.02
CA PRO A 164 13.50 -9.18 -25.66
C PRO A 164 12.36 -8.87 -24.69
N ALA A 165 11.48 -7.98 -25.14
CA ALA A 165 10.44 -7.46 -24.26
C ALA A 165 9.48 -8.56 -23.82
N LEU A 166 9.07 -9.43 -24.73
CA LEU A 166 8.03 -10.42 -24.49
C LEU A 166 8.56 -11.81 -24.82
N GLY A 167 9.65 -12.20 -24.17
CA GLY A 167 10.33 -13.44 -24.46
C GLY A 167 10.42 -14.36 -23.26
N MET A 168 11.50 -15.16 -23.21
CA MET A 168 11.55 -16.24 -22.23
C MET A 168 11.55 -15.74 -20.79
N SER A 169 12.19 -14.62 -20.47
CA SER A 169 12.20 -14.14 -19.10
C SER A 169 10.78 -13.74 -18.64
N PHE A 170 10.02 -13.09 -19.51
CA PHE A 170 8.62 -12.78 -19.21
C PHE A 170 7.84 -14.08 -19.01
N ASP A 171 8.03 -15.04 -19.91
CA ASP A 171 7.38 -16.35 -19.78
C ASP A 171 7.72 -17.00 -18.45
N LYS A 172 8.99 -16.96 -18.05
CA LYS A 172 9.35 -17.54 -16.76
C LYS A 172 8.61 -16.85 -15.61
N ALA A 173 8.51 -15.52 -15.63
CA ALA A 173 7.83 -14.81 -14.56
C ALA A 173 6.35 -15.19 -14.52
N LEU A 174 5.69 -15.29 -15.69
CA LEU A 174 4.28 -15.65 -15.69
C LEU A 174 4.06 -17.05 -15.17
N ASN A 175 4.99 -17.99 -15.42
CA ASN A 175 4.86 -19.33 -14.86
C ASN A 175 5.20 -19.41 -13.39
N GLY A 176 5.57 -18.31 -12.75
CA GLY A 176 5.82 -18.27 -11.33
C GLY A 176 4.60 -18.48 -10.45
N ASP A 177 3.39 -18.27 -10.97
CA ASP A 177 2.17 -18.52 -10.21
C ASP A 177 1.15 -19.14 -11.14
N LEU A 178 0.93 -20.44 -10.99
CA LEU A 178 -0.04 -21.16 -11.79
C LEU A 178 -1.26 -21.61 -11.00
N SER A 179 -1.44 -21.11 -9.78
CA SER A 179 -2.65 -21.44 -9.01
C SER A 179 -3.45 -20.16 -8.80
N ASP A 180 -3.77 -19.76 -7.57
CA ASP A 180 -4.80 -18.71 -7.45
C ASP A 180 -4.26 -17.33 -7.80
N GLY A 181 -2.96 -17.18 -8.04
CA GLY A 181 -2.43 -15.93 -8.56
C GLY A 181 -2.21 -15.92 -10.08
N ARG A 182 -2.64 -16.97 -10.78
CA ARG A 182 -2.32 -17.05 -12.20
C ARG A 182 -2.94 -15.89 -12.98
N LEU A 183 -2.14 -15.28 -13.86
CA LEU A 183 -2.63 -14.20 -14.69
C LEU A 183 -3.30 -14.80 -15.93
N ASP A 184 -4.44 -14.26 -16.30
CA ASP A 184 -5.15 -14.68 -17.48
C ASP A 184 -4.70 -13.96 -18.74
N MET A 185 -4.33 -12.71 -18.63
CA MET A 185 -4.01 -11.88 -19.77
C MET A 185 -3.37 -10.59 -19.31
N GLY A 186 -2.75 -9.89 -20.24
CA GLY A 186 -2.14 -8.62 -19.89
C GLY A 186 -1.70 -7.93 -21.15
N CYS A 187 -1.28 -6.69 -20.99
CA CYS A 187 -0.90 -5.87 -22.14
C CYS A 187 0.37 -5.11 -21.84
N VAL A 188 1.28 -5.09 -22.79
CA VAL A 188 2.48 -4.24 -22.78
C VAL A 188 2.28 -3.30 -23.98
N ALA A 189 1.86 -2.06 -23.72
CA ALA A 189 1.37 -1.21 -24.81
C ALA A 189 2.41 -1.01 -25.91
N SER A 190 3.67 -0.98 -25.58
CA SER A 190 4.72 -0.73 -26.57
C SER A 190 5.11 -1.96 -27.37
N HIS A 191 4.60 -3.13 -27.00
CA HIS A 191 5.14 -4.36 -27.59
C HIS A 191 4.14 -5.43 -27.98
N GLY A 192 3.12 -5.67 -27.17
CA GLY A 192 2.23 -6.78 -27.45
C GLY A 192 1.32 -7.09 -26.27
N HIS A 193 0.73 -8.29 -26.30
CA HIS A 193 -0.08 -8.75 -25.18
C HIS A 193 0.15 -10.22 -24.99
N PHE A 194 -0.35 -10.74 -23.85
CA PHE A 194 -0.16 -12.14 -23.50
C PHE A 194 -1.49 -12.65 -22.95
N TYR A 195 -1.65 -13.95 -23.01
CA TYR A 195 -2.80 -14.61 -22.39
C TYR A 195 -2.44 -16.04 -22.05
N PHE A 196 -3.15 -16.59 -21.06
CA PHE A 196 -2.99 -18.00 -20.72
C PHE A 196 -3.87 -18.84 -21.65
N ASN A 197 -3.26 -19.80 -22.31
CA ASN A 197 -3.98 -20.70 -23.21
C ASN A 197 -4.34 -21.96 -22.41
N ASN A 198 -5.62 -22.11 -22.09
CA ASN A 198 -6.03 -23.21 -21.21
C ASN A 198 -5.88 -24.56 -21.89
N ILE A 199 -6.10 -24.62 -23.21
CA ILE A 199 -5.99 -25.88 -23.93
C ILE A 199 -4.57 -26.41 -23.85
N ASP A 200 -3.59 -25.57 -24.20
CA ASP A 200 -2.19 -25.98 -24.16
C ASP A 200 -1.56 -25.83 -22.78
N SER A 201 -2.27 -25.25 -21.82
CA SER A 201 -1.73 -24.98 -20.50
C SER A 201 -0.40 -24.24 -20.59
N LYS A 202 -0.37 -23.19 -21.41
CA LYS A 202 0.84 -22.38 -21.54
C LYS A 202 0.43 -20.94 -21.81
N PHE A 203 1.35 -20.02 -21.53
CA PHE A 203 1.18 -18.62 -21.89
C PHE A 203 1.58 -18.38 -23.33
N ASN A 204 0.81 -17.53 -24.01
CA ASN A 204 1.09 -17.14 -25.39
C ASN A 204 1.32 -15.64 -25.42
N PHE A 205 2.24 -15.22 -26.27
CA PHE A 205 2.53 -13.81 -26.52
C PHE A 205 2.15 -13.49 -27.96
N GLU A 206 1.50 -12.35 -28.15
CA GLU A 206 1.17 -11.81 -29.47
C GLU A 206 1.93 -10.51 -29.59
N HIS A 207 2.73 -10.38 -30.62
CA HIS A 207 3.57 -9.22 -30.81
C HIS A 207 2.93 -8.22 -31.77
N GLY A 208 3.01 -6.95 -31.41
CA GLY A 208 2.47 -5.88 -32.22
C GLY A 208 1.00 -6.10 -32.47
N ASN A 209 0.59 -5.79 -33.69
CA ASN A 209 -0.79 -5.98 -34.12
C ASN A 209 -1.77 -5.35 -33.12
N LYS A 210 -1.54 -4.05 -32.84
CA LYS A 210 -2.39 -3.16 -32.07
C LYS A 210 -2.60 -3.69 -30.67
N PRO A 211 -1.53 -3.73 -29.86
CA PRO A 211 -1.59 -4.42 -28.55
C PRO A 211 -2.75 -4.05 -27.63
N ALA A 212 -3.03 -2.76 -27.45
CA ALA A 212 -4.11 -2.40 -26.54
C ALA A 212 -5.44 -2.89 -27.07
N THR A 213 -5.65 -2.78 -28.39
CA THR A 213 -6.92 -3.20 -28.94
C THR A 213 -7.07 -4.72 -28.89
N ALA A 214 -5.99 -5.42 -29.16
CA ALA A 214 -5.98 -6.88 -29.02
C ALA A 214 -6.32 -7.31 -27.61
N PHE A 215 -5.73 -6.66 -26.62
CA PHE A 215 -6.04 -6.96 -25.22
C PHE A 215 -7.51 -6.67 -24.92
N LEU A 216 -8.00 -5.50 -25.38
CA LEU A 216 -9.39 -5.14 -25.15
C LEU A 216 -10.31 -6.23 -25.67
N PHE A 217 -10.04 -6.72 -26.88
CA PHE A 217 -10.91 -7.71 -27.48
C PHE A 217 -10.81 -9.03 -26.74
N ARG A 218 -9.60 -9.44 -26.37
CA ARG A 218 -9.41 -10.63 -25.55
CA ARG A 218 -9.41 -10.63 -25.55
C ARG A 218 -10.24 -10.57 -24.28
N LEU A 219 -10.23 -9.40 -23.62
CA LEU A 219 -10.93 -9.23 -22.37
C LEU A 219 -12.43 -9.34 -22.60
N ILE A 220 -12.95 -8.64 -23.61
CA ILE A 220 -14.38 -8.70 -23.89
C ILE A 220 -14.81 -10.13 -24.18
N ALA A 221 -14.02 -10.87 -25.00
CA ALA A 221 -14.43 -12.22 -25.35
C ALA A 221 -14.41 -13.12 -24.12
N GLN A 222 -13.37 -13.00 -23.29
CA GLN A 222 -13.31 -13.86 -22.10
C GLN A 222 -14.38 -13.50 -21.09
N LEU A 223 -14.68 -12.21 -20.93
CA LEU A 223 -15.70 -11.80 -19.97
C LEU A 223 -17.04 -12.40 -20.34
N GLN A 224 -17.33 -12.53 -21.63
CA GLN A 224 -18.63 -13.07 -22.05
C GLN A 224 -18.92 -14.42 -21.40
N PHE A 225 -17.88 -15.25 -21.19
CA PHE A 225 -18.08 -16.58 -20.62
C PHE A 225 -18.53 -16.49 -19.19
N SER A 226 -18.17 -15.40 -18.49
CA SER A 226 -18.56 -15.27 -17.09
C SER A 226 -20.05 -14.92 -16.93
N GLY A 227 -20.72 -14.44 -17.98
CA GLY A 227 -22.06 -13.97 -17.82
C GLY A 227 -22.09 -12.91 -16.74
N THR A 228 -23.22 -12.82 -16.05
CA THR A 228 -23.34 -11.86 -14.96
C THR A 228 -22.90 -12.45 -13.63
N VAL A 229 -22.47 -11.58 -12.74
CA VAL A 229 -22.06 -11.99 -11.41
C VAL A 229 -23.13 -12.83 -10.73
N PRO A 230 -22.74 -13.72 -9.83
CA PRO A 230 -23.75 -14.36 -8.98
C PRO A 230 -24.52 -13.37 -8.13
N MET A 231 -25.68 -13.80 -7.62
CA MET A 231 -26.53 -12.89 -6.85
C MET A 231 -26.07 -12.83 -5.40
N ILE A 232 -25.67 -11.63 -4.99
CA ILE A 232 -25.10 -11.42 -3.68
C ILE A 232 -26.15 -11.67 -2.59
N ASP A 233 -25.69 -12.24 -1.49
CA ASP A 233 -26.46 -12.31 -0.24
C ASP A 233 -26.04 -11.12 0.62
N ILE A 234 -26.79 -10.01 0.52
CA ILE A 234 -26.42 -8.84 1.30
C ILE A 234 -26.63 -9.07 2.80
N ASP A 235 -27.49 -10.00 3.18
CA ASP A 235 -27.67 -10.29 4.61
C ASP A 235 -26.45 -10.99 5.21
N ALA A 236 -25.60 -11.61 4.39
CA ALA A 236 -24.31 -12.08 4.90
C ALA A 236 -23.44 -10.91 5.38
N TYR A 237 -23.40 -9.82 4.62
CA TYR A 237 -22.75 -8.59 5.09
C TYR A 237 -23.48 -8.01 6.29
N GLY A 238 -24.82 -8.17 6.34
CA GLY A 238 -25.59 -7.59 7.42
C GLY A 238 -25.31 -8.20 8.77
N LYS A 239 -24.67 -9.37 8.80
CA LYS A 239 -24.24 -9.92 10.09
C LYS A 239 -23.33 -8.97 10.85
N TRP A 240 -22.64 -8.06 10.14
CA TRP A 240 -21.75 -7.10 10.78
C TRP A 240 -22.47 -5.86 11.32
N LEU A 241 -23.78 -5.78 11.19
CA LEU A 241 -24.52 -4.63 11.70
C LEU A 241 -24.61 -4.66 13.22
N ALA A 242 -24.64 -5.84 13.80
CA ALA A 242 -24.80 -5.98 15.26
C ALA A 242 -23.48 -5.80 16.00
N SER B 4 -0.63 -6.61 44.56
CA SER B 4 -1.26 -7.70 43.81
C SER B 4 -0.49 -9.01 44.01
N ASP B 5 -1.26 -10.11 44.10
CA ASP B 5 -0.70 -11.42 44.41
C ASP B 5 0.05 -12.00 43.21
N TRP B 6 0.95 -12.95 43.51
CA TRP B 6 1.67 -13.66 42.47
C TRP B 6 0.70 -14.18 41.42
N SER B 7 1.08 -14.05 40.15
CA SER B 7 0.23 -14.50 39.05
C SER B 7 1.11 -15.04 37.93
N LEU B 8 0.93 -16.32 37.62
CA LEU B 8 1.63 -16.93 36.51
C LEU B 8 1.21 -16.28 35.21
N SER B 9 -0.09 -16.00 35.04
CA SER B 9 -0.56 -15.31 33.84
C SER B 9 0.12 -13.96 33.66
N GLN B 10 0.32 -13.22 34.76
CA GLN B 10 0.99 -11.93 34.65
C GLN B 10 2.44 -12.08 34.17
N LEU B 11 3.15 -13.11 34.66
CA LEU B 11 4.52 -13.31 34.19
C LEU B 11 4.57 -13.48 32.67
N PHE B 12 3.64 -14.28 32.12
CA PHE B 12 3.63 -14.52 30.70
C PHE B 12 3.19 -13.30 29.93
N ALA B 13 2.31 -12.47 30.51
CA ALA B 13 1.93 -11.22 29.87
C ALA B 13 3.12 -10.26 29.81
N SER B 14 3.85 -10.14 30.90
CA SER B 14 5.01 -9.27 30.94
C SER B 14 6.12 -9.73 30.01
N LEU B 15 6.31 -11.05 29.87
CA LEU B 15 7.29 -11.56 28.90
C LEU B 15 6.90 -11.15 27.49
N HIS B 16 5.64 -11.36 27.11
CA HIS B 16 5.17 -10.94 25.81
C HIS B 16 5.23 -9.43 25.60
N GLU B 17 4.78 -8.64 26.59
CA GLU B 17 4.69 -7.20 26.41
C GLU B 17 6.06 -6.60 26.15
N ASP B 18 7.10 -7.13 26.82
CA ASP B 18 8.47 -6.73 26.56
C ASP B 18 8.85 -6.93 25.10
N ILE B 19 8.56 -8.12 24.56
CA ILE B 19 8.85 -8.39 23.15
C ILE B 19 8.07 -7.46 22.24
N GLN B 20 6.77 -7.29 22.52
CA GLN B 20 5.94 -6.48 21.62
C GLN B 20 6.41 -5.03 21.61
N LEU B 21 6.75 -4.45 22.76
CA LEU B 21 7.26 -3.08 22.78
C LEU B 21 8.62 -2.96 22.07
N ARG B 22 9.53 -3.92 22.30
CA ARG B 22 10.86 -3.80 21.71
C ARG B 22 10.81 -3.96 20.19
N LEU B 23 9.96 -4.85 19.69
CA LEU B 23 9.77 -4.95 18.26
C LEU B 23 9.17 -3.68 17.68
N GLY B 24 8.21 -3.09 18.36
CA GLY B 24 7.63 -1.86 17.83
C GLY B 24 8.62 -0.71 17.88
N THR B 25 9.47 -0.69 18.90
CA THR B 25 10.56 0.28 18.98
C THR B 25 11.55 0.10 17.82
N ALA B 26 11.98 -1.13 17.56
CA ALA B 26 12.91 -1.35 16.46
C ALA B 26 12.33 -0.79 15.16
N ARG B 27 11.04 -1.02 14.91
CA ARG B 27 10.44 -0.57 13.67
C ARG B 27 10.32 0.95 13.59
N LYS B 28 9.98 1.60 14.70
CA LYS B 28 9.75 3.05 14.70
C LYS B 28 11.05 3.85 14.81
N ALA B 29 12.03 3.33 15.54
CA ALA B 29 13.20 4.15 15.89
C ALA B 29 14.23 4.19 14.78
N PHE B 30 14.39 3.11 14.02
CA PHE B 30 15.49 3.00 13.07
C PHE B 30 14.95 3.11 11.64
N GLN B 31 15.31 4.20 10.95
CA GLN B 31 14.92 4.35 9.55
C GLN B 31 15.74 3.42 8.64
N HIS B 32 17.04 3.37 8.86
CA HIS B 32 17.94 2.52 8.11
C HIS B 32 17.43 1.09 8.06
N PRO B 33 17.19 0.53 6.87
CA PRO B 33 16.63 -0.84 6.80
C PRO B 33 17.50 -1.88 7.51
N GLY B 34 18.82 -1.81 7.33
CA GLY B 34 19.69 -2.79 7.95
C GLY B 34 19.66 -2.72 9.46
N ALA B 35 19.75 -1.49 10.02
CA ALA B 35 19.67 -1.32 11.46
C ALA B 35 18.32 -1.76 12.01
N LYS B 36 17.24 -1.43 11.30
CA LYS B 36 15.91 -1.84 11.72
C LYS B 36 15.82 -3.37 11.78
N GLY B 37 16.29 -4.05 10.72
CA GLY B 37 16.29 -5.51 10.73
C GLY B 37 17.19 -6.09 11.81
N ASP B 38 18.38 -5.52 11.98
CA ASP B 38 19.28 -6.02 13.01
C ASP B 38 18.65 -5.90 14.39
N ALA B 39 18.01 -4.77 14.66
CA ALA B 39 17.37 -4.53 15.94
C ALA B 39 16.25 -5.52 16.19
N SER B 40 15.37 -5.70 15.21
CA SER B 40 14.22 -6.60 15.39
C SER B 40 14.66 -8.05 15.56
N GLU B 41 15.57 -8.50 14.70
CA GLU B 41 16.07 -9.85 14.80
C GLU B 41 16.71 -10.10 16.15
N GLY B 42 17.40 -9.10 16.68
CA GLY B 42 18.02 -9.24 18.00
C GLY B 42 17.01 -9.41 19.11
N VAL B 43 15.81 -8.84 18.95
CA VAL B 43 14.77 -9.00 19.97
C VAL B 43 14.36 -10.46 20.10
N TRP B 44 14.10 -11.12 18.96
CA TRP B 44 13.74 -12.55 19.00
C TRP B 44 14.91 -13.41 19.48
N ILE B 45 16.13 -13.12 19.00
CA ILE B 45 17.28 -13.89 19.43
C ILE B 45 17.45 -13.79 20.94
N GLU B 46 17.24 -12.59 21.53
CA GLU B 46 17.38 -12.45 22.98
C GLU B 46 16.33 -13.23 23.75
N MET B 47 15.08 -13.24 23.27
CA MET B 47 14.06 -14.04 23.95
C MET B 47 14.46 -15.51 24.03
N LEU B 48 14.93 -16.05 22.92
CA LEU B 48 15.29 -17.46 22.86
C LEU B 48 16.54 -17.73 23.65
N ASP B 49 17.51 -16.84 23.59
CA ASP B 49 18.72 -17.00 24.37
C ASP B 49 18.44 -16.96 25.86
N THR B 50 17.48 -16.13 26.28
CA THR B 50 17.15 -16.02 27.69
C THR B 50 16.39 -17.21 28.20
N TYR B 51 15.44 -17.72 27.42
CA TYR B 51 14.45 -18.66 27.92
C TYR B 51 14.59 -20.12 27.44
N LEU B 52 15.12 -20.38 26.27
CA LEU B 52 15.28 -21.75 25.84
C LEU B 52 16.22 -22.49 26.78
N PRO B 53 15.97 -23.81 27.00
CA PRO B 53 16.99 -24.65 27.62
C PRO B 53 18.36 -24.43 27.00
N LYS B 54 19.40 -24.52 27.83
CA LYS B 54 20.75 -24.21 27.39
C LYS B 54 21.31 -25.22 26.40
N ARG B 55 20.63 -26.35 26.20
CA ARG B 55 21.04 -27.25 25.15
C ARG B 55 20.88 -26.61 23.78
N TYR B 56 20.12 -25.51 23.68
CA TYR B 56 19.89 -24.78 22.44
C TYR B 56 20.69 -23.48 22.45
N GLN B 57 21.37 -23.23 21.33
CA GLN B 57 21.95 -21.93 20.98
C GLN B 57 20.98 -21.25 20.02
N ALA B 58 20.93 -19.91 20.09
CA ALA B 58 20.11 -19.16 19.14
C ALA B 58 20.94 -17.97 18.67
N ALA B 59 21.06 -17.85 17.36
CA ALA B 59 21.90 -16.81 16.78
C ALA B 59 21.60 -16.69 15.29
N ASN B 60 22.01 -15.56 14.72
CA ASN B 60 22.11 -15.43 13.28
C ASN B 60 23.32 -16.22 12.77
N ALA B 61 23.16 -16.94 11.67
CA ALA B 61 24.24 -17.79 11.19
C ALA B 61 24.02 -18.21 9.75
N PHE B 62 25.12 -18.62 9.10
CA PHE B 62 25.05 -19.36 7.85
C PHE B 62 25.11 -20.84 8.20
N VAL B 63 24.44 -21.68 7.39
CA VAL B 63 24.49 -23.14 7.52
C VAL B 63 25.22 -23.69 6.32
N VAL B 64 26.11 -24.64 6.56
CA VAL B 64 26.83 -25.32 5.48
C VAL B 64 26.74 -26.84 5.69
N ASP B 65 26.86 -27.59 4.60
CA ASP B 65 26.93 -29.04 4.71
C ASP B 65 28.24 -29.59 4.16
N SER B 66 28.44 -30.87 4.38
CA SER B 66 29.69 -31.53 4.00
C SER B 66 29.82 -31.72 2.48
N LEU B 67 28.81 -31.38 1.70
CA LEU B 67 28.93 -31.37 0.26
C LEU B 67 29.39 -30.00 -0.23
N GLY B 68 29.65 -29.06 0.68
CA GLY B 68 30.06 -27.72 0.26
C GLY B 68 28.96 -26.78 -0.10
N ASN B 69 27.73 -27.10 0.21
CA ASN B 69 26.59 -26.23 -0.06
C ASN B 69 26.29 -25.35 1.14
N PHE B 70 25.97 -24.10 0.86
CA PHE B 70 25.73 -23.08 1.87
C PHE B 70 24.29 -22.55 1.77
N SER B 71 23.65 -22.35 2.92
CA SER B 71 22.43 -21.56 2.94
C SER B 71 22.73 -20.07 2.77
N ASP B 72 21.67 -19.30 2.56
CA ASP B 72 21.77 -17.85 2.71
C ASP B 72 21.87 -17.55 4.20
N GLN B 73 22.05 -16.28 4.55
CA GLN B 73 22.11 -15.91 5.95
C GLN B 73 20.75 -16.17 6.58
N ILE B 74 20.75 -16.86 7.70
CA ILE B 74 19.53 -17.22 8.42
C ILE B 74 19.37 -16.27 9.60
N ASN B 75 18.23 -15.57 9.64
CA ASN B 75 18.01 -14.59 10.69
C ASN B 75 18.14 -15.18 12.09
N VAL B 76 17.44 -16.28 12.34
CA VAL B 76 17.41 -16.93 13.64
C VAL B 76 17.60 -18.41 13.43
N VAL B 77 18.74 -18.94 13.86
CA VAL B 77 19.02 -20.37 13.86
C VAL B 77 19.05 -20.85 15.32
N VAL B 78 18.42 -22.00 15.55
CA VAL B 78 18.47 -22.71 16.82
C VAL B 78 19.27 -23.96 16.56
N PHE B 79 20.33 -24.15 17.32
CA PHE B 79 21.32 -25.16 16.97
C PHE B 79 22.05 -25.67 18.19
N ASP B 80 22.68 -26.83 18.02
CA ASP B 80 23.47 -27.46 19.08
C ASP B 80 24.92 -26.99 19.00
N ARG B 81 25.51 -26.76 20.18
CA ARG B 81 26.93 -26.65 20.33
C ARG B 81 27.54 -27.61 21.37
N GLN B 82 26.74 -28.39 22.07
CA GLN B 82 27.27 -29.29 23.09
C GLN B 82 28.01 -30.42 22.45
N TYR B 83 27.54 -30.83 21.27
CA TYR B 83 28.08 -32.00 20.57
C TYR B 83 28.56 -31.66 19.17
N SER B 84 28.53 -30.37 18.77
CA SER B 84 28.80 -29.93 17.44
C SER B 84 29.83 -28.82 17.45
N PRO B 85 30.82 -28.89 16.57
CA PRO B 85 31.73 -27.75 16.36
C PRO B 85 31.06 -26.64 15.54
N PHE B 86 31.66 -25.45 15.60
CA PHE B 86 31.48 -24.49 14.52
C PHE B 86 32.26 -24.99 13.31
N ILE B 87 31.76 -24.69 12.10
CA ILE B 87 32.61 -24.87 10.92
C ILE B 87 33.56 -23.67 10.74
N PHE B 88 33.14 -22.47 11.10
CA PHE B 88 33.97 -21.28 10.99
C PHE B 88 33.37 -20.21 11.88
N LYS B 89 34.22 -19.49 12.59
CA LYS B 89 33.82 -18.35 13.38
C LYS B 89 34.83 -17.23 13.18
N PHE B 90 34.31 -16.03 12.93
CA PHE B 90 35.16 -14.86 12.65
C PHE B 90 34.48 -13.69 13.36
N ASN B 91 35.05 -13.29 14.50
CA ASN B 91 34.41 -12.31 15.37
C ASN B 91 32.99 -12.77 15.63
N GLU B 92 31.97 -12.03 15.20
CA GLU B 92 30.60 -12.41 15.50
C GLU B 92 29.92 -13.19 14.38
N GLN B 93 30.63 -13.46 13.29
CA GLN B 93 30.07 -14.17 12.16
C GLN B 93 30.32 -15.66 12.39
N ILE B 94 29.26 -16.48 12.30
CA ILE B 94 29.39 -17.91 12.51
C ILE B 94 28.78 -18.69 11.36
N ILE B 95 29.44 -19.83 11.06
CA ILE B 95 28.97 -20.80 10.07
C ILE B 95 28.84 -22.12 10.80
N VAL B 96 27.63 -22.67 10.81
CA VAL B 96 27.39 -23.90 11.58
C VAL B 96 27.13 -25.05 10.63
N PRO B 97 27.50 -26.27 10.99
CA PRO B 97 27.18 -27.44 10.16
C PRO B 97 25.70 -27.77 10.19
N ALA B 98 25.20 -28.28 9.05
CA ALA B 98 23.78 -28.57 8.97
C ALA B 98 23.35 -29.52 10.07
N GLU B 99 24.23 -30.45 10.47
CA GLU B 99 23.90 -31.43 11.49
C GLU B 99 23.54 -30.79 12.84
N SER B 100 23.97 -29.54 13.09
CA SER B 100 23.73 -28.93 14.37
C SER B 100 22.36 -28.28 14.48
N VAL B 101 21.61 -28.21 13.39
CA VAL B 101 20.45 -27.29 13.32
C VAL B 101 19.18 -27.96 13.84
N TYR B 102 18.49 -27.27 14.75
CA TYR B 102 17.18 -27.68 15.25
C TYR B 102 16.03 -26.94 14.59
N ALA B 103 16.22 -25.65 14.27
CA ALA B 103 15.13 -24.83 13.79
C ALA B 103 15.70 -23.60 13.09
N VAL B 104 14.95 -23.08 12.10
CA VAL B 104 15.34 -21.86 11.42
C VAL B 104 14.10 -20.98 11.29
N PHE B 105 14.29 -19.66 11.49
CA PHE B 105 13.23 -18.67 11.37
C PHE B 105 13.67 -17.49 10.55
N GLU B 106 12.73 -16.96 9.76
CA GLU B 106 12.89 -15.66 9.12
C GLU B 106 12.16 -14.67 10.01
N ALA B 107 12.77 -13.50 10.23
CA ALA B 107 12.21 -12.48 11.11
C ALA B 107 12.18 -11.17 10.35
N LYS B 108 10.99 -10.60 10.21
CA LYS B 108 10.77 -9.38 9.44
C LYS B 108 9.66 -8.60 10.11
N GLN B 109 9.37 -7.41 9.59
CA GLN B 109 8.45 -6.53 10.27
C GLN B 109 6.99 -6.97 10.14
N SER B 110 6.57 -7.35 8.95
CA SER B 110 5.15 -7.58 8.72
C SER B 110 4.91 -8.77 7.81
N ALA B 111 4.03 -9.67 8.24
CA ALA B 111 3.68 -10.82 7.41
C ALA B 111 2.97 -10.37 6.13
N SER B 112 3.29 -11.01 5.02
CA SER B 112 2.70 -10.75 3.71
C SER B 112 2.81 -12.03 2.89
N ALA B 113 2.09 -12.06 1.77
CA ALA B 113 2.20 -13.24 0.88
C ALA B 113 3.62 -13.39 0.37
N ASP B 114 4.27 -12.27 0.03
CA ASP B 114 5.63 -12.34 -0.47
C ASP B 114 6.60 -12.89 0.59
N LEU B 115 6.44 -12.44 1.85
CA LEU B 115 7.37 -12.86 2.89
C LEU B 115 7.13 -14.31 3.31
N VAL B 116 5.87 -14.74 3.37
CA VAL B 116 5.58 -16.12 3.69
C VAL B 116 6.23 -17.06 2.66
N ALA B 117 6.07 -16.75 1.37
CA ALA B 117 6.70 -17.57 0.34
C ALA B 117 8.22 -17.55 0.45
N TYR B 118 8.80 -16.38 0.67
CA TYR B 118 10.25 -16.26 0.84
C TYR B 118 10.72 -17.13 2.00
N ALA B 119 10.02 -17.06 3.15
CA ALA B 119 10.39 -17.90 4.29
C ALA B 119 10.30 -19.39 3.92
N GLN B 120 9.24 -19.79 3.22
CA GLN B 120 9.13 -21.19 2.81
C GLN B 120 10.32 -21.63 1.97
N ARG B 121 10.74 -20.80 1.02
CA ARG B 121 11.88 -21.15 0.18
C ARG B 121 13.17 -21.27 1.01
N LYS B 122 13.37 -20.34 1.93
CA LYS B 122 14.59 -20.32 2.75
C LYS B 122 14.66 -21.54 3.66
N VAL B 123 13.53 -21.89 4.28
CA VAL B 123 13.45 -23.09 5.10
C VAL B 123 13.74 -24.32 4.25
N ALA B 124 13.12 -24.39 3.07
CA ALA B 124 13.38 -25.51 2.16
C ALA B 124 14.87 -25.65 1.86
N SER B 125 15.58 -24.52 1.67
CA SER B 125 16.99 -24.57 1.36
C SER B 125 17.80 -25.18 2.48
N VAL B 126 17.43 -24.91 3.74
CA VAL B 126 18.16 -25.51 4.87
C VAL B 126 17.87 -27.00 4.95
N ARG B 127 16.60 -27.39 4.78
CA ARG B 127 16.28 -28.81 4.84
C ARG B 127 16.87 -29.61 3.70
N ARG B 128 17.20 -28.99 2.59
CA ARG B 128 17.82 -29.71 1.47
C ARG B 128 19.31 -29.91 1.66
N LEU B 129 19.91 -29.29 2.67
CA LEU B 129 21.32 -29.55 2.95
C LEU B 129 21.48 -30.97 3.46
N HIS B 130 22.64 -31.55 3.17
CA HIS B 130 22.93 -32.92 3.58
C HIS B 130 23.39 -32.96 5.03
N ARG B 131 22.84 -33.91 5.79
CA ARG B 131 23.22 -34.10 7.18
C ARG B 131 23.73 -35.53 7.37
N THR B 132 24.95 -35.65 7.87
CA THR B 132 25.51 -36.94 8.26
C THR B 132 24.94 -37.39 9.61
N SER B 133 25.18 -38.65 9.96
CA SER B 133 24.70 -39.24 11.19
C SER B 133 25.46 -40.53 11.47
N LEU B 134 26.23 -40.56 12.57
CA LEU B 134 27.08 -41.70 12.92
C LEU B 134 26.51 -42.43 14.14
N PRO B 135 26.80 -43.72 14.29
CA PRO B 135 26.45 -44.42 15.53
C PRO B 135 27.00 -43.64 16.73
N ILE B 136 26.24 -43.62 17.82
CA ILE B 136 26.53 -42.69 18.92
C ILE B 136 27.09 -43.43 20.12
N PRO B 137 28.37 -43.24 20.48
CA PRO B 137 28.88 -43.86 21.70
C PRO B 137 28.34 -43.16 22.93
N HIS B 138 28.05 -43.94 23.97
CA HIS B 138 27.49 -43.40 25.22
C HIS B 138 27.79 -44.36 26.36
N ALA B 139 27.36 -44.00 27.56
CA ALA B 139 27.76 -44.76 28.73
C ALA B 139 27.22 -46.19 28.66
N GLY B 140 26.19 -46.42 27.88
CA GLY B 140 25.54 -47.72 27.79
C GLY B 140 25.86 -48.49 26.54
N GLY B 141 26.83 -48.06 25.75
CA GLY B 141 27.20 -48.77 24.54
C GLY B 141 27.25 -47.84 23.36
N THR B 142 26.62 -48.24 22.27
CA THR B 142 26.60 -47.48 21.02
C THR B 142 25.20 -47.50 20.45
N TYR B 143 24.57 -46.37 20.34
CA TYR B 143 23.27 -46.28 19.66
C TYR B 143 23.48 -46.42 18.16
N PRO B 144 22.49 -46.92 17.42
CA PRO B 144 22.55 -46.76 15.97
C PRO B 144 22.59 -45.28 15.60
N ALA B 145 23.05 -45.00 14.39
CA ALA B 145 22.95 -43.64 13.86
C ALA B 145 21.54 -43.14 13.99
N LYS B 146 21.37 -41.98 14.63
CA LYS B 146 20.05 -41.46 14.85
C LYS B 146 19.41 -41.04 13.53
N PRO B 147 18.18 -41.44 13.26
CA PRO B 147 17.49 -40.94 12.06
C PRO B 147 17.40 -39.43 12.12
N LEU B 148 17.56 -38.80 10.96
CA LEU B 148 17.64 -37.33 10.90
C LEU B 148 16.42 -36.69 11.52
N ILE B 149 16.63 -35.75 12.43
CA ILE B 149 15.55 -35.03 13.10
C ILE B 149 14.91 -34.05 12.13
N PRO B 150 13.64 -33.72 12.30
CA PRO B 150 13.06 -32.62 11.51
C PRO B 150 13.76 -31.33 11.86
N ILE B 151 13.95 -30.46 10.86
CA ILE B 151 14.36 -29.08 11.14
C ILE B 151 13.08 -28.24 11.13
N LEU B 152 12.78 -27.62 12.27
CA LEU B 152 11.57 -26.80 12.37
C LEU B 152 11.80 -25.49 11.64
N GLY B 153 10.74 -24.97 11.02
CA GLY B 153 10.85 -23.74 10.26
C GLY B 153 9.72 -22.80 10.63
N GLY B 154 9.97 -21.51 10.49
CA GLY B 154 8.94 -20.56 10.87
C GLY B 154 9.24 -19.14 10.45
N LEU B 155 8.32 -18.27 10.84
CA LEU B 155 8.30 -16.88 10.48
C LEU B 155 7.90 -16.09 11.71
N LEU B 156 8.64 -15.04 12.00
CA LEU B 156 8.44 -14.18 13.15
C LEU B 156 8.30 -12.74 12.67
N THR B 157 7.19 -12.09 13.03
CA THR B 157 6.97 -10.72 12.60
C THR B 157 6.37 -9.92 13.74
N PHE B 158 6.36 -8.58 13.57
CA PHE B 158 5.67 -7.71 14.49
C PHE B 158 4.21 -7.52 14.11
N GLU B 159 3.95 -7.33 12.82
CA GLU B 159 2.61 -7.01 12.32
C GLU B 159 2.23 -7.95 11.19
N SER B 160 1.08 -7.68 10.58
CA SER B 160 0.61 -8.39 9.40
C SER B 160 0.03 -7.39 8.42
N ASP B 161 0.32 -7.60 7.15
CA ASP B 161 -0.23 -6.75 6.10
C ASP B 161 -1.67 -7.15 5.76
N TRP B 162 -2.09 -8.34 6.16
CA TRP B 162 -3.44 -8.80 5.89
C TRP B 162 -4.46 -8.18 6.82
N SER B 163 -5.67 -7.98 6.29
CA SER B 163 -6.83 -7.57 7.08
C SER B 163 -7.91 -8.61 6.85
N PRO B 164 -8.30 -9.39 7.85
CA PRO B 164 -7.77 -9.43 9.21
C PRO B 164 -6.34 -10.02 9.25
N ALA B 165 -5.66 -9.78 10.37
CA ALA B 165 -4.25 -10.11 10.46
C ALA B 165 -4.03 -11.60 10.36
N LEU B 166 -4.83 -12.41 11.06
CA LEU B 166 -4.62 -13.85 11.13
C LEU B 166 -5.88 -14.56 10.65
N GLY B 167 -6.07 -14.58 9.34
CA GLY B 167 -7.28 -15.10 8.80
C GLY B 167 -7.12 -15.97 7.58
N MET B 168 -8.20 -16.01 6.77
CA MET B 168 -8.27 -16.91 5.64
C MET B 168 -7.11 -16.73 4.67
N SER B 169 -6.75 -15.50 4.34
CA SER B 169 -5.70 -15.28 3.35
C SER B 169 -4.33 -15.67 3.85
N PHE B 170 -4.03 -15.38 5.11
CA PHE B 170 -2.79 -15.86 5.75
C PHE B 170 -2.75 -17.38 5.73
N ASP B 171 -3.85 -18.03 6.13
CA ASP B 171 -3.89 -19.49 6.08
C ASP B 171 -3.60 -20.03 4.68
N LYS B 172 -4.20 -19.42 3.65
CA LYS B 172 -3.95 -19.89 2.28
C LYS B 172 -2.49 -19.71 1.87
N ALA B 173 -1.86 -18.60 2.29
CA ALA B 173 -0.45 -18.40 2.03
C ALA B 173 0.39 -19.49 2.72
N LEU B 174 0.02 -19.82 3.96
CA LEU B 174 0.77 -20.87 4.66
C LEU B 174 0.62 -22.20 3.95
N ASN B 175 -0.55 -22.45 3.35
CA ASN B 175 -0.75 -23.70 2.65
C ASN B 175 -0.05 -23.76 1.31
N GLY B 176 0.68 -22.71 0.94
CA GLY B 176 1.41 -22.66 -0.30
C GLY B 176 2.55 -23.65 -0.39
N ASP B 177 3.10 -24.10 0.74
CA ASP B 177 4.14 -25.13 0.75
C ASP B 177 3.91 -26.04 1.95
N LEU B 178 3.56 -27.29 1.68
CA LEU B 178 3.30 -28.29 2.69
C LEU B 178 4.33 -29.41 2.66
N SER B 179 5.43 -29.23 1.93
CA SER B 179 6.49 -30.22 1.91
C SER B 179 7.78 -29.58 2.40
N ASP B 180 8.79 -29.47 1.55
CA ASP B 180 10.13 -29.06 1.99
C ASP B 180 10.12 -27.70 2.65
N GLY B 181 9.24 -26.80 2.20
CA GLY B 181 9.21 -25.45 2.75
C GLY B 181 8.16 -25.21 3.81
N ARG B 182 7.55 -26.25 4.35
CA ARG B 182 6.43 -26.07 5.27
C ARG B 182 6.90 -25.30 6.51
N LEU B 183 6.12 -24.28 6.89
CA LEU B 183 6.40 -23.53 8.11
C LEU B 183 5.68 -24.21 9.27
N ASP B 184 6.44 -24.68 10.25
CA ASP B 184 5.82 -25.37 11.37
C ASP B 184 5.12 -24.46 12.38
N MET B 185 5.59 -23.24 12.55
CA MET B 185 5.05 -22.35 13.54
C MET B 185 5.60 -20.95 13.31
N GLY B 186 4.95 -20.00 13.94
CA GLY B 186 5.41 -18.62 13.83
C GLY B 186 4.59 -17.73 14.73
N CYS B 187 4.96 -16.45 14.73
CA CYS B 187 4.39 -15.48 15.64
C CYS B 187 4.24 -14.15 14.94
N VAL B 188 3.07 -13.55 15.11
CA VAL B 188 2.79 -12.18 14.70
C VAL B 188 2.57 -11.43 16.02
N ALA B 189 3.63 -10.78 16.49
CA ALA B 189 3.65 -10.32 17.88
C ALA B 189 2.45 -9.46 18.26
N SER B 190 1.92 -8.69 17.32
CA SER B 190 0.79 -7.81 17.58
C SER B 190 -0.56 -8.52 17.57
N HIS B 191 -0.62 -9.80 17.16
CA HIS B 191 -1.90 -10.44 16.94
C HIS B 191 -2.03 -11.86 17.45
N GLY B 192 -0.99 -12.67 17.34
CA GLY B 192 -1.14 -14.07 17.75
C GLY B 192 -0.03 -14.94 17.18
N HIS B 193 -0.30 -16.25 17.13
CA HIS B 193 0.71 -17.17 16.63
C HIS B 193 0.02 -18.28 15.86
N PHE B 194 0.81 -19.01 15.09
CA PHE B 194 0.25 -20.09 14.28
C PHE B 194 1.15 -21.31 14.42
N TYR B 195 0.55 -22.47 14.16
CA TYR B 195 1.35 -23.69 14.12
C TYR B 195 0.68 -24.67 13.16
N PHE B 196 1.49 -25.57 12.62
CA PHE B 196 0.96 -26.67 11.81
C PHE B 196 0.54 -27.82 12.72
N ASN B 197 -0.72 -28.22 12.64
CA ASN B 197 -1.24 -29.36 13.40
C ASN B 197 -1.10 -30.62 12.55
N ASN B 198 -0.22 -31.52 12.99
CA ASN B 198 0.07 -32.73 12.22
C ASN B 198 -1.13 -33.68 12.17
N ILE B 199 -1.87 -33.80 13.28
CA ILE B 199 -3.00 -34.73 13.33
C ILE B 199 -4.03 -34.35 12.26
N ASP B 200 -4.40 -33.08 12.21
CA ASP B 200 -5.42 -32.61 11.28
C ASP B 200 -4.84 -32.16 9.95
N SER B 201 -3.52 -32.09 9.83
CA SER B 201 -2.87 -31.62 8.61
C SER B 201 -3.38 -30.25 8.19
N LYS B 202 -3.52 -29.35 9.16
CA LYS B 202 -3.95 -27.99 8.86
C LYS B 202 -3.17 -27.02 9.73
N PHE B 203 -3.14 -25.76 9.33
CA PHE B 203 -2.62 -24.73 10.22
C PHE B 203 -3.70 -24.29 11.19
N ASN B 204 -3.26 -23.95 12.40
CA ASN B 204 -4.13 -23.42 13.44
C ASN B 204 -3.60 -22.04 13.82
N PHE B 205 -4.54 -21.10 14.09
CA PHE B 205 -4.19 -19.78 14.59
C PHE B 205 -4.65 -19.66 16.03
N GLU B 206 -3.84 -19.01 16.87
CA GLU B 206 -4.24 -18.67 18.23
C GLU B 206 -4.15 -17.16 18.36
N HIS B 207 -5.28 -16.51 18.69
CA HIS B 207 -5.37 -15.06 18.70
C HIS B 207 -5.06 -14.51 20.09
N GLY B 208 -4.22 -13.49 20.12
CA GLY B 208 -3.85 -12.85 21.37
C GLY B 208 -3.26 -13.82 22.35
N ASN B 209 -3.60 -13.63 23.63
CA ASN B 209 -3.20 -14.58 24.67
C ASN B 209 -1.67 -14.76 24.70
N LYS B 210 -0.98 -13.60 24.78
CA LYS B 210 0.47 -13.52 25.00
C LYS B 210 1.22 -14.20 23.85
N PRO B 211 1.06 -13.67 22.64
CA PRO B 211 1.59 -14.37 21.45
C PRO B 211 3.05 -14.80 21.50
N ALA B 212 3.96 -13.94 21.93
CA ALA B 212 5.37 -14.34 21.91
C ALA B 212 5.64 -15.46 22.89
N THR B 213 5.01 -15.41 24.06
CA THR B 213 5.14 -16.48 25.04
C THR B 213 4.52 -17.78 24.57
N ALA B 214 3.33 -17.73 23.96
CA ALA B 214 2.73 -18.91 23.39
C ALA B 214 3.64 -19.54 22.35
N PHE B 215 4.22 -18.71 21.47
CA PHE B 215 5.18 -19.23 20.49
C PHE B 215 6.39 -19.88 21.16
N LEU B 216 6.97 -19.20 22.14
CA LEU B 216 8.09 -19.76 22.89
C LEU B 216 7.78 -21.15 23.45
N PHE B 217 6.59 -21.30 24.07
CA PHE B 217 6.20 -22.57 24.66
C PHE B 217 5.97 -23.62 23.59
N ARG B 218 5.34 -23.25 22.47
CA ARG B 218 5.18 -24.19 21.36
C ARG B 218 6.53 -24.69 20.87
N LEU B 219 7.51 -23.79 20.76
CA LEU B 219 8.83 -24.19 20.29
C LEU B 219 9.52 -25.11 21.27
N ILE B 220 9.48 -24.79 22.57
CA ILE B 220 10.07 -25.68 23.57
C ILE B 220 9.47 -27.08 23.49
N ALA B 221 8.15 -27.15 23.44
CA ALA B 221 7.47 -28.45 23.45
C ALA B 221 7.75 -29.22 22.18
N GLN B 222 7.74 -28.57 21.03
CA GLN B 222 8.04 -29.29 19.80
C GLN B 222 9.50 -29.72 19.76
N LEU B 223 10.44 -28.88 20.22
CA LEU B 223 11.85 -29.26 20.18
C LEU B 223 12.08 -30.50 21.03
N GLN B 224 11.34 -30.65 22.14
CA GLN B 224 11.58 -31.82 23.00
C GLN B 224 11.49 -33.11 22.22
N PHE B 225 10.58 -33.18 21.22
CA PHE B 225 10.44 -34.42 20.46
C PHE B 225 11.68 -34.73 19.64
N SER B 226 12.44 -33.71 19.24
CA SER B 226 13.63 -33.93 18.43
C SER B 226 14.79 -34.54 19.21
N GLY B 227 14.78 -34.44 20.53
CA GLY B 227 15.93 -34.88 21.30
C GLY B 227 17.16 -34.08 20.88
N THR B 228 18.32 -34.72 20.92
CA THR B 228 19.55 -34.05 20.55
C THR B 228 19.87 -34.32 19.09
N VAL B 229 20.57 -33.39 18.44
CA VAL B 229 20.98 -33.59 17.06
C VAL B 229 21.69 -34.94 16.85
N PRO B 230 21.63 -35.50 15.65
CA PRO B 230 22.45 -36.69 15.35
C PRO B 230 23.93 -36.37 15.47
N MET B 231 24.75 -37.42 15.55
CA MET B 231 26.19 -37.22 15.73
C MET B 231 26.85 -36.99 14.36
N ILE B 232 27.51 -35.84 14.27
CA ILE B 232 28.13 -35.37 13.05
C ILE B 232 29.34 -36.22 12.69
N ASP B 233 29.50 -36.48 11.38
CA ASP B 233 30.73 -37.05 10.85
C ASP B 233 31.65 -35.92 10.42
N ILE B 234 32.56 -35.51 11.32
CA ILE B 234 33.39 -34.36 10.97
C ILE B 234 34.36 -34.75 9.85
N ASP B 235 34.67 -36.04 9.66
CA ASP B 235 35.56 -36.40 8.56
C ASP B 235 34.91 -36.22 7.21
N ALA B 236 33.58 -36.16 7.14
CA ALA B 236 32.93 -35.79 5.89
C ALA B 236 33.31 -34.38 5.49
N TYR B 237 33.32 -33.45 6.45
CA TYR B 237 33.84 -32.12 6.20
C TYR B 237 35.33 -32.15 5.89
N GLY B 238 36.07 -33.07 6.54
CA GLY B 238 37.52 -33.13 6.40
C GLY B 238 37.98 -33.52 5.01
N LYS B 239 37.08 -34.05 4.20
CA LYS B 239 37.42 -34.34 2.81
C LYS B 239 37.84 -33.08 2.08
N TRP B 240 37.43 -31.91 2.53
CA TRP B 240 37.78 -30.65 1.91
C TRP B 240 39.14 -30.11 2.36
N LEU B 241 39.84 -30.81 3.24
CA LEU B 241 41.16 -30.40 3.70
C LEU B 241 42.22 -30.67 2.63
N ALA B 242 42.19 -31.87 2.08
CA ALA B 242 43.21 -32.30 1.10
C ALA B 242 42.49 -32.79 -0.16
N ASN B 243 41.82 -31.87 -0.83
CA ASN B 243 41.03 -32.25 -2.01
C ASN B 243 41.70 -31.79 -3.32
N SER C 1 -42.46 19.37 15.23
CA SER C 1 -43.57 20.37 15.33
C SER C 1 -43.59 21.22 14.07
N ASN C 2 -44.55 22.14 14.00
CA ASN C 2 -44.70 23.01 12.84
C ASN C 2 -44.05 24.38 13.03
N ALA C 3 -43.32 24.59 14.12
CA ALA C 3 -42.66 25.87 14.33
C ALA C 3 -41.60 26.11 13.25
N SER C 4 -41.49 27.37 12.82
CA SER C 4 -40.44 27.76 11.90
C SER C 4 -39.86 29.10 12.36
N ASP C 5 -38.59 29.09 12.73
CA ASP C 5 -37.87 30.31 13.12
C ASP C 5 -36.46 30.15 12.56
N TRP C 6 -36.22 30.79 11.40
CA TRP C 6 -34.91 30.72 10.77
C TRP C 6 -33.80 31.18 11.71
N SER C 7 -32.66 30.49 11.67
CA SER C 7 -31.48 30.86 12.46
C SER C 7 -30.21 30.86 11.60
N LEU C 8 -29.52 32.01 11.56
CA LEU C 8 -28.26 32.10 10.86
C LEU C 8 -27.17 31.32 11.59
N SER C 9 -27.15 31.39 12.93
CA SER C 9 -26.19 30.62 13.69
C SER C 9 -26.27 29.13 13.38
N GLN C 10 -27.49 28.59 13.26
CA GLN C 10 -27.63 27.16 12.94
C GLN C 10 -27.01 26.80 11.59
N LEU C 11 -27.15 27.67 10.59
CA LEU C 11 -26.52 27.38 9.31
C LEU C 11 -25.00 27.18 9.47
N PHE C 12 -24.36 28.04 10.24
CA PHE C 12 -22.91 27.96 10.39
C PHE C 12 -22.52 26.76 11.25
N ALA C 13 -23.38 26.40 12.19
CA ALA C 13 -23.15 25.17 12.93
C ALA C 13 -23.21 23.97 12.01
N SER C 14 -24.26 23.93 11.18
CA SER C 14 -24.41 22.76 10.29
C SER C 14 -23.29 22.69 9.27
N LEU C 15 -22.82 23.83 8.80
CA LEU C 15 -21.70 23.85 7.85
C LEU C 15 -20.45 23.20 8.47
N HIS C 16 -20.15 23.61 9.70
CA HIS C 16 -18.99 23.07 10.40
C HIS C 16 -19.19 21.59 10.76
N GLU C 17 -20.34 21.23 11.29
CA GLU C 17 -20.56 19.86 11.75
C GLU C 17 -20.39 18.89 10.60
N ASP C 18 -20.87 19.26 9.41
CA ASP C 18 -20.67 18.43 8.22
C ASP C 18 -19.19 18.16 7.98
N ILE C 19 -18.35 19.22 8.04
CA ILE C 19 -16.92 19.05 7.85
C ILE C 19 -16.34 18.14 8.93
N GLN C 20 -16.66 18.42 10.20
CA GLN C 20 -16.08 17.64 11.28
C GLN C 20 -16.41 16.16 11.18
N LEU C 21 -17.68 15.83 10.91
CA LEU C 21 -18.07 14.44 10.79
C LEU C 21 -17.40 13.78 9.60
N ARG C 22 -17.38 14.45 8.42
CA ARG C 22 -16.81 13.78 7.25
C ARG C 22 -15.31 13.57 7.44
N LEU C 23 -14.61 14.53 8.07
CA LEU C 23 -13.19 14.30 8.34
C LEU C 23 -13.00 13.16 9.35
N GLY C 24 -13.83 13.11 10.37
CA GLY C 24 -13.78 11.98 11.30
C GLY C 24 -14.02 10.65 10.61
N THR C 25 -14.98 10.62 9.70
CA THR C 25 -15.25 9.41 8.92
C THR C 25 -14.06 9.00 8.07
N ALA C 26 -13.46 9.94 7.37
CA ALA C 26 -12.32 9.60 6.53
C ALA C 26 -11.24 8.93 7.35
N ARG C 27 -11.00 9.45 8.55
CA ARG C 27 -9.96 8.89 9.42
C ARG C 27 -10.32 7.50 9.93
N LYS C 28 -11.58 7.26 10.26
CA LYS C 28 -12.00 6.02 10.89
C LYS C 28 -12.24 4.92 9.87
N ALA C 29 -12.81 5.27 8.70
CA ALA C 29 -13.26 4.25 7.76
C ALA C 29 -12.13 3.68 6.91
N PHE C 30 -11.16 4.51 6.50
CA PHE C 30 -10.14 4.09 5.54
C PHE C 30 -8.84 3.77 6.27
N GLN C 31 -8.51 2.48 6.30
CA GLN C 31 -7.33 2.02 7.02
C GLN C 31 -6.12 1.85 6.13
N HIS C 32 -6.13 2.48 4.99
CA HIS C 32 -5.08 2.58 3.99
C HIS C 32 -4.64 4.04 3.96
N PRO C 33 -3.36 4.33 4.13
CA PRO C 33 -2.96 5.75 4.27
C PRO C 33 -3.24 6.60 3.05
N GLY C 34 -3.10 6.04 1.85
CA GLY C 34 -3.39 6.82 0.66
C GLY C 34 -4.86 7.16 0.55
N ALA C 35 -5.72 6.15 0.72
CA ALA C 35 -7.16 6.38 0.68
C ALA C 35 -7.61 7.34 1.78
N LYS C 36 -7.05 7.21 2.98
CA LYS C 36 -7.46 8.07 4.09
C LYS C 36 -7.11 9.54 3.79
N GLY C 37 -5.89 9.79 3.32
CA GLY C 37 -5.50 11.12 2.93
C GLY C 37 -6.33 11.66 1.77
N ASP C 38 -6.59 10.82 0.75
CA ASP C 38 -7.40 11.28 -0.37
C ASP C 38 -8.79 11.65 0.10
N ALA C 39 -9.35 10.85 0.99
CA ALA C 39 -10.70 11.10 1.50
C ALA C 39 -10.74 12.42 2.24
N SER C 40 -9.79 12.63 3.18
CA SER C 40 -9.78 13.87 3.97
C SER C 40 -9.53 15.10 3.12
N GLU C 41 -8.52 15.04 2.25
CA GLU C 41 -8.22 16.17 1.37
C GLU C 41 -9.45 16.56 0.55
N GLY C 42 -10.20 15.57 0.06
CA GLY C 42 -11.39 15.84 -0.68
C GLY C 42 -12.45 16.60 0.11
N VAL C 43 -12.54 16.35 1.43
CA VAL C 43 -13.51 17.08 2.26
C VAL C 43 -13.19 18.58 2.26
N TRP C 44 -11.91 18.92 2.47
CA TRP C 44 -11.54 20.32 2.50
C TRP C 44 -11.73 20.96 1.13
N ILE C 45 -11.39 20.22 0.07
CA ILE C 45 -11.51 20.80 -1.28
C ILE C 45 -12.97 21.06 -1.58
N GLU C 46 -13.85 20.14 -1.20
CA GLU C 46 -15.29 20.34 -1.45
C GLU C 46 -15.80 21.56 -0.71
N MET C 47 -15.34 21.77 0.52
CA MET C 47 -15.79 22.97 1.26
C MET C 47 -15.40 24.25 0.53
N LEU C 48 -14.16 24.32 0.05
CA LEU C 48 -13.72 25.50 -0.65
C LEU C 48 -14.43 25.63 -2.00
N ASP C 49 -14.62 24.53 -2.70
CA ASP C 49 -15.28 24.55 -3.99
C ASP C 49 -16.72 24.99 -3.87
N THR C 50 -17.38 24.56 -2.78
CA THR C 50 -18.77 24.92 -2.57
C THR C 50 -18.94 26.37 -2.21
N TYR C 51 -18.10 26.88 -1.28
CA TYR C 51 -18.36 28.16 -0.64
C TYR C 51 -17.52 29.34 -1.11
N LEU C 52 -16.30 29.13 -1.57
CA LEU C 52 -15.53 30.25 -2.08
C LEU C 52 -16.24 30.91 -3.26
N PRO C 53 -16.10 32.24 -3.39
CA PRO C 53 -16.48 32.89 -4.64
C PRO C 53 -15.87 32.18 -5.85
N LYS C 54 -16.58 32.21 -6.98
CA LYS C 54 -16.18 31.45 -8.15
C LYS C 54 -14.94 32.01 -8.85
N ARG C 55 -14.47 33.19 -8.44
CA ARG C 55 -13.20 33.66 -8.94
C ARG C 55 -12.04 32.77 -8.47
N TYR C 56 -12.27 31.95 -7.46
CA TYR C 56 -11.28 31.02 -6.94
C TYR C 56 -11.58 29.59 -7.38
N GLN C 57 -10.53 28.90 -7.85
CA GLN C 57 -10.56 27.44 -8.01
C GLN C 57 -9.85 26.80 -6.84
N ALA C 58 -10.26 25.59 -6.45
CA ALA C 58 -9.60 24.85 -5.39
C ALA C 58 -9.42 23.41 -5.86
N ALA C 59 -8.18 22.93 -5.82
CA ALA C 59 -7.83 21.60 -6.30
C ALA C 59 -6.43 21.22 -5.83
N ASN C 60 -6.14 19.94 -5.96
CA ASN C 60 -4.79 19.43 -5.80
C ASN C 60 -3.99 19.69 -7.07
N ALA C 61 -2.74 20.14 -6.93
CA ALA C 61 -1.98 20.47 -8.11
C ALA C 61 -0.49 20.56 -7.81
N PHE C 62 0.30 20.57 -8.87
CA PHE C 62 1.68 21.02 -8.85
C PHE C 62 1.71 22.44 -9.41
N VAL C 63 2.58 23.27 -8.87
CA VAL C 63 2.81 24.63 -9.34
C VAL C 63 4.16 24.68 -10.05
N VAL C 64 4.23 25.45 -11.13
CA VAL C 64 5.47 25.57 -11.91
C VAL C 64 5.65 27.05 -12.24
N ASP C 65 6.91 27.46 -12.46
CA ASP C 65 7.19 28.82 -12.86
C ASP C 65 7.97 28.87 -14.17
N SER C 66 8.12 30.10 -14.70
CA SER C 66 8.74 30.32 -15.99
C SER C 66 10.26 30.12 -15.99
N LEU C 67 10.86 29.85 -14.86
CA LEU C 67 12.23 29.42 -14.75
C LEU C 67 12.36 27.88 -14.79
N GLY C 68 11.24 27.17 -14.91
CA GLY C 68 11.28 25.71 -14.98
C GLY C 68 11.35 25.02 -13.65
N ASN C 69 11.14 25.72 -12.56
CA ASN C 69 11.10 25.14 -11.23
C ASN C 69 9.71 24.76 -10.82
N PHE C 70 9.61 23.65 -10.06
CA PHE C 70 8.35 23.07 -9.68
C PHE C 70 8.22 23.04 -8.15
N SER C 71 6.99 23.24 -7.68
CA SER C 71 6.66 23.00 -6.29
C SER C 71 6.58 21.50 -6.00
N ASP C 72 6.48 21.17 -4.71
CA ASP C 72 6.05 19.84 -4.30
C ASP C 72 4.59 19.65 -4.68
N GLN C 73 4.06 18.45 -4.48
CA GLN C 73 2.63 18.22 -4.70
C GLN C 73 1.86 18.98 -3.61
N ILE C 74 0.95 19.85 -4.01
CA ILE C 74 0.19 20.66 -3.07
C ILE C 74 -1.21 20.08 -2.93
N ASN C 75 -1.57 19.71 -1.68
CA ASN C 75 -2.88 19.09 -1.39
C ASN C 75 -4.04 19.98 -1.81
N VAL C 76 -3.99 21.27 -1.45
CA VAL C 76 -5.08 22.19 -1.67
C VAL C 76 -4.46 23.49 -2.19
N VAL C 77 -4.62 23.76 -3.48
CA VAL C 77 -4.20 25.00 -4.11
C VAL C 77 -5.47 25.79 -4.37
N VAL C 78 -5.45 27.07 -4.00
CA VAL C 78 -6.48 28.05 -4.41
C VAL C 78 -5.88 28.94 -5.47
N PHE C 79 -6.52 28.98 -6.63
CA PHE C 79 -5.87 29.62 -7.77
C PHE C 79 -6.90 30.22 -8.74
N ASP C 80 -6.40 31.12 -9.57
CA ASP C 80 -7.18 31.72 -10.62
C ASP C 80 -7.20 30.87 -11.89
N ARG C 81 -8.37 30.81 -12.54
CA ARG C 81 -8.47 30.36 -13.94
C ARG C 81 -9.19 31.36 -14.85
N GLN C 82 -9.71 32.48 -14.32
CA GLN C 82 -10.40 33.43 -15.17
C GLN C 82 -9.45 34.14 -16.09
N TYR C 83 -8.24 34.36 -15.62
CA TYR C 83 -7.20 35.12 -16.32
C TYR C 83 -5.93 34.33 -16.58
N SER C 84 -5.91 33.06 -16.23
CA SER C 84 -4.70 32.25 -16.16
C SER C 84 -4.96 30.96 -16.92
N PRO C 85 -4.05 30.55 -17.82
CA PRO C 85 -4.11 29.19 -18.37
C PRO C 85 -3.63 28.16 -17.36
N PHE C 86 -3.99 26.90 -17.65
CA PHE C 86 -3.20 25.80 -17.15
C PHE C 86 -1.88 25.73 -17.93
N ILE C 87 -0.81 25.29 -17.27
CA ILE C 87 0.42 24.95 -17.97
C ILE C 87 0.32 23.54 -18.56
N PHE C 88 -0.31 22.61 -17.86
CA PHE C 88 -0.54 21.25 -18.38
C PHE C 88 -1.74 20.66 -17.67
N LYS C 89 -2.56 19.95 -18.43
CA LYS C 89 -3.67 19.19 -17.88
C LYS C 89 -3.73 17.84 -18.58
N PHE C 90 -3.82 16.78 -17.80
CA PHE C 90 -3.86 15.42 -18.30
C PHE C 90 -4.96 14.71 -17.54
N ASN C 91 -6.11 14.48 -18.20
CA ASN C 91 -7.30 14.01 -17.49
C ASN C 91 -7.53 14.95 -16.30
N GLU C 92 -7.60 14.46 -15.08
CA GLU C 92 -7.94 15.38 -13.98
C GLU C 92 -6.70 16.01 -13.33
N GLN C 93 -5.51 15.62 -13.73
CA GLN C 93 -4.28 16.08 -13.13
C GLN C 93 -3.86 17.39 -13.76
N ILE C 94 -3.54 18.37 -12.90
CA ILE C 94 -3.25 19.73 -13.38
C ILE C 94 -1.93 20.26 -12.83
N ILE C 95 -1.27 21.05 -13.66
CA ILE C 95 -0.10 21.84 -13.28
C ILE C 95 -0.40 23.29 -13.58
N VAL C 96 -0.35 24.13 -12.56
CA VAL C 96 -0.77 25.52 -12.68
C VAL C 96 0.44 26.46 -12.64
N PRO C 97 0.40 27.61 -13.31
CA PRO C 97 1.53 28.53 -13.21
C PRO C 97 1.53 29.25 -11.86
N ALA C 98 2.73 29.61 -11.39
CA ALA C 98 2.83 30.27 -10.10
C ALA C 98 2.00 31.54 -10.03
N GLU C 99 1.91 32.26 -11.16
CA GLU C 99 1.16 33.51 -11.21
C GLU C 99 -0.32 33.33 -10.89
N SER C 100 -0.87 32.11 -11.00
CA SER C 100 -2.27 31.90 -10.75
C SER C 100 -2.59 31.67 -9.27
N VAL C 101 -1.59 31.56 -8.38
CA VAL C 101 -1.85 30.97 -7.06
C VAL C 101 -2.22 32.08 -6.08
N TYR C 102 -3.28 31.83 -5.32
CA TYR C 102 -3.69 32.68 -4.21
C TYR C 102 -3.27 32.14 -2.84
N ALA C 103 -3.38 30.84 -2.64
CA ALA C 103 -3.19 30.23 -1.34
C ALA C 103 -2.83 28.77 -1.54
N VAL C 104 -2.06 28.23 -0.60
CA VAL C 104 -1.72 26.81 -0.61
C VAL C 104 -1.83 26.25 0.79
N PHE C 105 -2.41 25.05 0.87
CA PHE C 105 -2.61 24.40 2.16
C PHE C 105 -2.14 22.95 2.09
N GLU C 106 -1.63 22.49 3.22
CA GLU C 106 -1.37 21.07 3.49
C GLU C 106 -2.52 20.54 4.36
N ALA C 107 -3.05 19.36 4.00
CA ALA C 107 -4.16 18.74 4.73
C ALA C 107 -3.70 17.38 5.23
N LYS C 108 -3.78 17.18 6.54
CA LYS C 108 -3.34 15.97 7.20
C LYS C 108 -4.26 15.69 8.38
N GLN C 109 -4.02 14.58 9.08
CA GLN C 109 -4.98 14.16 10.10
C GLN C 109 -4.84 14.92 11.41
N SER C 110 -3.63 15.13 11.89
CA SER C 110 -3.45 15.71 13.22
C SER C 110 -2.21 16.59 13.27
N ALA C 111 -2.39 17.77 13.90
CA ALA C 111 -1.31 18.74 14.01
C ALA C 111 -0.22 18.25 14.95
N SER C 112 1.02 18.53 14.56
CA SER C 112 2.22 18.09 15.30
C SER C 112 3.38 18.95 14.83
N ALA C 113 4.47 18.91 15.58
CA ALA C 113 5.65 19.67 15.19
C ALA C 113 6.16 19.22 13.82
N ASP C 114 6.16 17.92 13.56
CA ASP C 114 6.63 17.41 12.27
C ASP C 114 5.69 17.82 11.14
N LEU C 115 4.39 17.78 11.39
CA LEU C 115 3.45 18.15 10.33
C LEU C 115 3.51 19.63 10.04
N VAL C 116 3.59 20.47 11.07
CA VAL C 116 3.73 21.90 10.87
C VAL C 116 4.97 22.21 10.05
N ALA C 117 6.10 21.55 10.36
CA ALA C 117 7.33 21.80 9.60
C ALA C 117 7.21 21.31 8.17
N TYR C 118 6.55 20.16 7.97
CA TYR C 118 6.30 19.65 6.62
C TYR C 118 5.47 20.63 5.83
N ALA C 119 4.42 21.21 6.45
CA ALA C 119 3.57 22.18 5.78
C ALA C 119 4.35 23.44 5.45
N GLN C 120 5.18 23.89 6.38
CA GLN C 120 6.04 25.04 6.13
C GLN C 120 6.92 24.80 4.91
N ARG C 121 7.39 23.56 4.74
CA ARG C 121 8.23 23.25 3.58
C ARG C 121 7.41 23.25 2.28
N LYS C 122 6.21 22.68 2.31
CA LYS C 122 5.34 22.72 1.14
C LYS C 122 5.08 24.16 0.71
N VAL C 123 4.70 25.01 1.66
CA VAL C 123 4.41 26.40 1.36
C VAL C 123 5.64 27.08 0.78
N ALA C 124 6.81 26.84 1.39
CA ALA C 124 8.03 27.46 0.89
C ALA C 124 8.32 27.04 -0.54
N SER C 125 8.02 25.80 -0.92
CA SER C 125 8.30 25.35 -2.28
C SER C 125 7.47 26.12 -3.29
N VAL C 126 6.36 26.73 -2.86
CA VAL C 126 5.55 27.57 -3.74
C VAL C 126 6.02 29.00 -3.73
N ARG C 127 6.29 29.56 -2.55
CA ARG C 127 6.65 30.96 -2.45
C ARG C 127 8.00 31.25 -3.10
N ARG C 128 8.89 30.25 -3.16
N ARG C 128 8.89 30.27 -3.17
CA ARG C 128 10.19 30.46 -3.81
CA ARG C 128 10.18 30.51 -3.81
C ARG C 128 10.08 30.61 -5.32
C ARG C 128 10.09 30.57 -5.33
N LEU C 129 8.97 30.19 -5.91
CA LEU C 129 8.83 30.24 -7.36
C LEU C 129 8.73 31.68 -7.83
N HIS C 130 9.14 31.89 -9.06
CA HIS C 130 9.12 33.21 -9.70
C HIS C 130 7.76 33.49 -10.33
N ARG C 131 7.26 34.71 -10.12
CA ARG C 131 5.98 35.12 -10.72
C ARG C 131 6.20 36.36 -11.58
N THR C 132 5.77 36.29 -12.83
CA THR C 132 5.81 37.44 -13.71
C THR C 132 4.60 38.35 -13.42
N SER C 133 4.63 39.55 -13.99
CA SER C 133 3.56 40.51 -13.82
C SER C 133 3.67 41.55 -14.92
N LEU C 134 2.67 41.63 -15.79
CA LEU C 134 2.69 42.60 -16.89
C LEU C 134 1.69 43.71 -16.66
N PRO C 135 1.89 44.87 -17.29
CA PRO C 135 0.86 45.92 -17.25
C PRO C 135 -0.45 45.36 -17.77
N ILE C 136 -1.55 45.81 -17.20
CA ILE C 136 -2.84 45.13 -17.34
C ILE C 136 -3.77 45.99 -18.19
N PRO C 137 -4.09 45.55 -19.43
CA PRO C 137 -5.13 46.25 -20.21
C PRO C 137 -6.52 46.02 -19.66
N HIS C 138 -7.30 47.09 -19.59
CA HIS C 138 -8.68 47.02 -19.08
C HIS C 138 -9.51 48.09 -19.76
N ALA C 139 -10.77 48.21 -19.37
CA ALA C 139 -11.67 49.10 -20.10
C ALA C 139 -11.28 50.55 -19.96
N GLY C 140 -10.55 50.89 -18.90
CA GLY C 140 -10.16 52.27 -18.64
C GLY C 140 -8.72 52.58 -19.02
N GLY C 141 -8.04 51.69 -19.75
CA GLY C 141 -6.67 51.96 -20.14
C GLY C 141 -5.78 50.80 -19.79
N THR C 142 -4.65 51.08 -19.14
CA THR C 142 -3.66 50.07 -18.80
C THR C 142 -3.16 50.36 -17.39
N TYR C 143 -3.37 49.43 -16.48
CA TYR C 143 -2.77 49.52 -15.15
C TYR C 143 -1.28 49.20 -15.17
N PRO C 144 -0.51 49.74 -14.27
CA PRO C 144 0.86 49.27 -14.12
C PRO C 144 0.84 47.79 -13.72
N ALA C 145 1.96 47.12 -13.94
CA ALA C 145 2.09 45.75 -13.49
C ALA C 145 1.72 45.67 -12.02
N LYS C 146 0.79 44.78 -11.69
CA LYS C 146 0.35 44.68 -10.30
C LYS C 146 1.50 44.17 -9.42
N PRO C 147 1.80 44.82 -8.30
CA PRO C 147 2.81 44.27 -7.38
C PRO C 147 2.39 42.88 -6.90
N LEU C 148 3.37 42.00 -6.76
CA LEU C 148 3.06 40.60 -6.47
C LEU C 148 2.28 40.49 -5.17
N ILE C 149 1.20 39.71 -5.22
CA ILE C 149 0.31 39.51 -4.08
C ILE C 149 0.95 38.50 -3.14
N PRO C 150 0.69 38.57 -1.86
CA PRO C 150 1.17 37.50 -0.96
C PRO C 150 0.44 36.19 -1.28
N ILE C 151 1.17 35.09 -1.28
CA ILE C 151 0.50 33.79 -1.36
C ILE C 151 0.23 33.36 0.06
N LEU C 152 -1.04 33.06 0.38
CA LEU C 152 -1.40 32.61 1.70
C LEU C 152 -1.03 31.15 1.84
N GLY C 153 -0.53 30.78 3.02
CA GLY C 153 -0.17 29.41 3.30
C GLY C 153 -0.82 28.92 4.57
N GLY C 154 -1.00 27.59 4.65
CA GLY C 154 -1.69 27.11 5.83
C GLY C 154 -1.71 25.60 5.96
N LEU C 155 -2.34 25.18 7.04
CA LEU C 155 -2.41 23.79 7.47
C LEU C 155 -3.83 23.47 7.93
N LEU C 156 -4.38 22.38 7.42
CA LEU C 156 -5.73 21.95 7.70
C LEU C 156 -5.67 20.56 8.30
N THR C 157 -6.22 20.42 9.50
CA THR C 157 -6.23 19.10 10.14
C THR C 157 -7.58 18.83 10.81
N PHE C 158 -7.77 17.55 11.17
CA PHE C 158 -8.92 17.14 11.96
C PHE C 158 -8.69 17.24 13.47
N GLU C 159 -7.50 16.87 13.93
CA GLU C 159 -7.16 16.77 15.34
C GLU C 159 -5.81 17.45 15.60
N SER C 160 -5.43 17.44 16.86
CA SER C 160 -4.13 17.91 17.32
C SER C 160 -3.51 16.86 18.23
N ASP C 161 -2.21 16.65 18.09
CA ASP C 161 -1.50 15.72 18.96
C ASP C 161 -1.15 16.35 20.31
N TRP C 162 -1.22 17.67 20.43
CA TRP C 162 -0.86 18.33 21.66
C TRP C 162 -2.04 18.40 22.63
N SER C 163 -1.72 18.49 23.91
CA SER C 163 -2.70 18.72 24.97
C SER C 163 -2.17 19.87 25.82
N PRO C 164 -2.83 21.04 25.84
CA PRO C 164 -4.03 21.43 25.07
C PRO C 164 -3.79 21.41 23.56
N ALA C 165 -4.88 21.29 22.81
CA ALA C 165 -4.78 21.14 21.35
C ALA C 165 -4.08 22.32 20.71
N LEU C 166 -4.42 23.54 21.13
CA LEU C 166 -3.94 24.74 20.49
C LEU C 166 -3.13 25.57 21.49
N GLY C 167 -2.01 25.05 21.99
CA GLY C 167 -1.26 25.62 23.06
C GLY C 167 0.12 26.08 22.63
N MET C 168 1.00 26.22 23.64
CA MET C 168 2.30 26.84 23.41
C MET C 168 3.17 26.02 22.47
N SER C 169 3.02 24.69 22.49
CA SER C 169 3.83 23.86 21.60
C SER C 169 3.41 24.06 20.14
N PHE C 170 2.11 24.18 19.88
CA PHE C 170 1.64 24.58 18.56
C PHE C 170 2.21 25.95 18.18
N ASP C 171 2.17 26.90 19.12
CA ASP C 171 2.70 28.24 18.84
C ASP C 171 4.20 28.19 18.52
N LYS C 172 4.96 27.43 19.32
CA LYS C 172 6.38 27.28 19.04
C LYS C 172 6.59 26.77 17.62
N ALA C 173 5.87 25.71 17.24
CA ALA C 173 6.03 25.12 15.92
C ALA C 173 5.72 26.14 14.82
N LEU C 174 4.65 26.92 15.01
CA LEU C 174 4.29 27.91 14.01
C LEU C 174 5.39 28.96 13.86
N ASN C 175 6.05 29.33 14.97
CA ASN C 175 7.13 30.31 14.89
C ASN C 175 8.41 29.73 14.34
N GLY C 176 8.43 28.44 13.99
CA GLY C 176 9.62 27.86 13.37
C GLY C 176 9.99 28.45 12.02
N ASP C 177 9.01 28.97 11.28
CA ASP C 177 9.26 29.53 9.96
C ASP C 177 8.38 30.77 9.78
N LEU C 178 9.00 31.95 9.84
CA LEU C 178 8.30 33.22 9.68
C LEU C 178 8.63 33.90 8.37
N SER C 179 9.22 33.20 7.39
CA SER C 179 9.48 33.79 6.09
C SER C 179 8.85 32.95 4.98
N ASP C 180 9.65 32.32 4.12
CA ASP C 180 9.09 31.64 2.95
C ASP C 180 8.06 30.57 3.32
N GLY C 181 8.22 29.94 4.48
CA GLY C 181 7.36 28.86 4.91
C GLY C 181 6.29 29.27 5.90
N ARG C 182 6.09 30.56 6.14
CA ARG C 182 5.15 31.00 7.17
C ARG C 182 3.72 30.56 6.87
N LEU C 183 3.05 30.00 7.87
CA LEU C 183 1.65 29.58 7.74
C LEU C 183 0.77 30.73 8.23
N ASP C 184 0.02 31.33 7.32
CA ASP C 184 -0.83 32.47 7.64
C ASP C 184 -2.09 32.09 8.40
N MET C 185 -2.59 30.87 8.24
CA MET C 185 -3.84 30.50 8.88
C MET C 185 -4.02 28.99 8.76
N GLY C 186 -4.96 28.46 9.53
CA GLY C 186 -5.16 27.02 9.48
C GLY C 186 -6.33 26.66 10.35
N CYS C 187 -6.72 25.39 10.25
CA CYS C 187 -7.88 24.93 10.96
C CYS C 187 -7.62 23.56 11.55
N VAL C 188 -8.03 23.37 12.79
CA VAL C 188 -8.03 22.07 13.46
C VAL C 188 -9.50 21.79 13.73
N ALA C 189 -10.12 20.98 12.88
CA ALA C 189 -11.58 20.94 12.81
C ALA C 189 -12.20 20.60 14.16
N SER C 190 -11.50 19.79 14.96
CA SER C 190 -12.04 19.36 16.25
C SER C 190 -11.85 20.38 17.36
N HIS C 191 -11.08 21.46 17.13
CA HIS C 191 -10.73 22.33 18.24
C HIS C 191 -10.83 23.84 18.01
N GLY C 192 -10.41 24.33 16.84
CA GLY C 192 -10.43 25.76 16.59
C GLY C 192 -9.65 26.08 15.32
N HIS C 193 -9.14 27.32 15.26
CA HIS C 193 -8.41 27.74 14.08
C HIS C 193 -7.37 28.75 14.53
N PHE C 194 -6.40 29.01 13.65
CA PHE C 194 -5.33 29.95 13.97
C PHE C 194 -5.09 30.87 12.79
N TYR C 195 -4.46 32.00 13.09
CA TYR C 195 -4.08 32.93 12.04
C TYR C 195 -2.94 33.79 12.56
N PHE C 196 -2.10 34.26 11.64
CA PHE C 196 -1.00 35.15 11.96
C PHE C 196 -1.50 36.59 11.92
N ASN C 197 -1.29 37.32 13.01
CA ASN C 197 -1.61 38.74 13.07
C ASN C 197 -0.39 39.54 12.63
N ASN C 198 -0.50 40.24 11.50
CA ASN C 198 0.64 40.99 10.98
C ASN C 198 0.98 42.18 11.87
N ILE C 199 -0.03 42.87 12.39
CA ILE C 199 0.22 44.05 13.19
C ILE C 199 0.98 43.68 14.46
N ASP C 200 0.50 42.68 15.19
CA ASP C 200 1.17 42.23 16.40
C ASP C 200 2.31 41.25 16.13
N SER C 201 2.47 40.80 14.88
CA SER C 201 3.49 39.83 14.51
C SER C 201 3.48 38.62 15.45
N LYS C 202 2.29 38.12 15.76
CA LYS C 202 2.15 36.91 16.54
C LYS C 202 1.02 36.06 15.99
N PHE C 203 1.02 34.79 16.35
CA PHE C 203 -0.07 33.88 15.99
C PHE C 203 -1.16 33.98 17.03
N ASN C 204 -2.40 33.96 16.57
CA ASN C 204 -3.59 33.94 17.42
C ASN C 204 -4.33 32.62 17.24
N PHE C 205 -4.79 32.05 18.33
CA PHE C 205 -5.61 30.85 18.31
C PHE C 205 -7.01 31.19 18.78
N GLU C 206 -8.01 30.71 18.04
CA GLU C 206 -9.41 30.88 18.40
C GLU C 206 -10.03 29.50 18.60
N HIS C 207 -10.58 29.27 19.78
CA HIS C 207 -11.08 27.95 20.15
C HIS C 207 -12.57 27.82 19.88
N GLY C 208 -12.96 26.65 19.37
CA GLY C 208 -14.34 26.33 19.12
C GLY C 208 -15.03 27.35 18.24
N ASN C 209 -16.32 27.57 18.53
CA ASN C 209 -17.15 28.52 17.76
C ASN C 209 -17.07 28.23 16.25
N LYS C 210 -17.42 26.93 15.91
CA LYS C 210 -17.54 26.48 14.53
C LYS C 210 -16.23 26.63 13.75
N PRO C 211 -15.20 25.88 14.13
CA PRO C 211 -13.86 26.10 13.56
C PRO C 211 -13.76 26.16 12.04
N ALA C 212 -14.35 25.21 11.32
CA ALA C 212 -14.22 25.20 9.87
C ALA C 212 -14.91 26.41 9.25
N THR C 213 -16.07 26.82 9.79
CA THR C 213 -16.75 27.99 9.29
C THR C 213 -15.93 29.26 9.58
N ALA C 214 -15.32 29.35 10.76
CA ALA C 214 -14.53 30.52 11.10
C ALA C 214 -13.31 30.62 10.19
N PHE C 215 -12.67 29.48 9.94
CA PHE C 215 -11.55 29.46 9.01
C PHE C 215 -11.98 29.90 7.61
N LEU C 216 -13.10 29.35 7.11
CA LEU C 216 -13.59 29.73 5.79
C LEU C 216 -13.79 31.23 5.69
N PHE C 217 -14.40 31.86 6.72
CA PHE C 217 -14.64 33.29 6.65
C PHE C 217 -13.33 34.07 6.71
N ARG C 218 -12.41 33.63 7.56
CA ARG C 218 -11.09 34.25 7.62
C ARG C 218 -10.39 34.19 6.26
N LEU C 219 -10.47 33.04 5.58
CA LEU C 219 -9.86 32.91 4.26
C LEU C 219 -10.51 33.85 3.27
N ILE C 220 -11.85 33.91 3.24
CA ILE C 220 -12.52 34.79 2.28
C ILE C 220 -12.12 36.24 2.52
N ALA C 221 -12.12 36.66 3.78
CA ALA C 221 -11.79 38.04 4.10
C ALA C 221 -10.36 38.39 3.74
N GLN C 222 -9.42 37.48 4.01
CA GLN C 222 -8.02 37.74 3.68
C GLN C 222 -7.82 37.73 2.17
N LEU C 223 -8.46 36.79 1.44
CA LEU C 223 -8.30 36.77 0.00
C LEU C 223 -8.77 38.07 -0.64
N GLN C 224 -9.81 38.68 -0.09
CA GLN C 224 -10.31 39.93 -0.68
C GLN C 224 -9.22 40.97 -0.83
N PHE C 225 -8.28 41.03 0.12
CA PHE C 225 -7.19 42.02 0.03
C PHE C 225 -6.27 41.74 -1.16
N SER C 226 -6.13 40.48 -1.57
CA SER C 226 -5.28 40.11 -2.69
C SER C 226 -5.80 40.56 -4.04
N GLY C 227 -7.10 40.88 -4.15
CA GLY C 227 -7.66 41.19 -5.45
C GLY C 227 -7.41 40.03 -6.41
N THR C 228 -7.29 40.35 -7.68
CA THR C 228 -7.05 39.31 -8.68
C THR C 228 -5.53 39.13 -8.86
N VAL C 229 -5.15 37.91 -9.23
CA VAL C 229 -3.74 37.64 -9.56
C VAL C 229 -3.18 38.67 -10.53
N PRO C 230 -1.88 38.93 -10.49
CA PRO C 230 -1.26 39.75 -11.53
C PRO C 230 -1.33 39.06 -12.91
N MET C 231 -1.10 39.85 -13.94
CA MET C 231 -1.27 39.33 -15.28
C MET C 231 -0.01 38.60 -15.73
N ILE C 232 -0.18 37.31 -16.05
CA ILE C 232 0.89 36.43 -16.44
C ILE C 232 1.51 36.83 -17.78
N ASP C 233 2.83 36.70 -17.85
CA ASP C 233 3.57 36.82 -19.12
C ASP C 233 3.78 35.41 -19.69
N ILE C 234 2.83 34.96 -20.53
CA ILE C 234 2.95 33.58 -21.02
C ILE C 234 4.18 33.43 -21.92
N ASP C 235 4.69 34.52 -22.51
CA ASP C 235 5.88 34.38 -23.35
C ASP C 235 7.14 34.09 -22.52
N ALA C 236 7.10 34.35 -21.22
CA ALA C 236 8.19 33.93 -20.35
C ALA C 236 8.24 32.41 -20.29
N TYR C 237 7.06 31.76 -20.25
CA TYR C 237 7.00 30.32 -20.35
C TYR C 237 7.40 29.83 -21.74
N GLY C 238 7.13 30.61 -22.78
CA GLY C 238 7.41 30.21 -24.15
C GLY C 238 8.87 30.11 -24.49
N LYS C 239 9.76 30.62 -23.65
CA LYS C 239 11.18 30.41 -23.87
C LYS C 239 11.53 28.94 -23.82
N TRP C 240 10.71 28.10 -23.18
CA TRP C 240 10.99 26.67 -23.09
C TRP C 240 10.46 25.87 -24.26
N LEU C 241 9.83 26.53 -25.24
CA LEU C 241 9.40 25.81 -26.44
C LEU C 241 10.59 25.38 -27.30
N ALA C 242 11.67 26.13 -27.28
CA ALA C 242 12.84 25.80 -28.10
C ALA C 242 13.86 25.00 -27.31
CL CL G . -3.47 -13.02 -0.15
#